data_5BU9
#
_entry.id   5BU9
#
_cell.length_a   146.510
_cell.length_b   146.510
_cell.length_c   85.487
_cell.angle_alpha   90.000
_cell.angle_beta   90.000
_cell.angle_gamma   120.000
#
_symmetry.space_group_name_H-M   'P 31 2 1'
#
loop_
_entity.id
_entity.type
_entity.pdbx_description
1 polymer Beta-N-acetylhexosaminidase
2 non-polymer GLYCEROL
3 water water
#
_entity_poly.entity_id   1
_entity_poly.type   'polypeptide(L)'
_entity_poly.pdbx_seq_one_letter_code
;SNADLSLEQRVGQLF(MSE)VGTDAATAEQVTLDAITASHVGNVFLAGRSNAGVDATAAVVEQLTAAVTDEATGGVPLLV
ATDQEGGNVQVLRGPGFSDIPTALDQGALDPATLQADATTWGAELAASGINLNLAPV(MSE)DVVASPEAAAANPPIGYF
HREFGYDAETVASHANAFSAG(MSE)RASGVETVIKHFPGLGRVTENTDTTAGVVDDVTTADDASVQAFAAGIDAGAAFV
(MSE)TSTAVYSQIDPDAPAAFSREIVSDLLRGQLGFDGVVVTDDVSAAEQVQAWSPADRAILAIEAGTDIVLVSADPSI
AAE(MSE)VAAVVAKAQADPDFAAIVDDAARRVLAAKGVA
;
_entity_poly.pdbx_strand_id   A,B
#
# COMPACT_ATOMS: atom_id res chain seq x y z
N ALA A 3 -12.45 -21.32 -28.69
CA ALA A 3 -12.66 -19.92 -28.34
C ALA A 3 -11.95 -18.99 -29.33
N ASP A 4 -12.75 -18.21 -30.06
CA ASP A 4 -12.24 -17.23 -31.02
C ASP A 4 -12.53 -15.82 -30.47
N LEU A 5 -11.49 -15.20 -29.94
CA LEU A 5 -11.59 -13.91 -29.32
C LEU A 5 -11.56 -12.81 -30.38
N SER A 6 -12.22 -11.69 -30.12
CA SER A 6 -12.09 -10.50 -30.97
C SER A 6 -10.67 -9.95 -30.81
N LEU A 7 -10.25 -9.07 -31.72
CA LEU A 7 -8.98 -8.36 -31.54
C LEU A 7 -8.83 -7.78 -30.14
N GLU A 8 -9.87 -7.08 -29.66
CA GLU A 8 -9.84 -6.40 -28.35
C GLU A 8 -9.58 -7.42 -27.24
N GLN A 9 -10.29 -8.54 -27.32
CA GLN A 9 -10.16 -9.59 -26.32
C GLN A 9 -8.78 -10.26 -26.37
N ARG A 10 -8.19 -10.41 -27.56
CA ARG A 10 -6.85 -11.01 -27.65
C ARG A 10 -5.80 -10.09 -27.04
N VAL A 11 -5.85 -8.81 -27.39
CA VAL A 11 -5.00 -7.82 -26.75
C VAL A 11 -5.20 -7.89 -25.22
N GLY A 12 -6.45 -7.95 -24.78
CA GLY A 12 -6.76 -8.02 -23.37
C GLY A 12 -6.04 -9.15 -22.69
N GLN A 13 -5.86 -10.26 -23.39
CA GLN A 13 -5.12 -11.38 -22.78
C GLN A 13 -3.63 -11.11 -22.52
N LEU A 14 -3.08 -10.08 -23.17
CA LEU A 14 -1.65 -9.69 -23.05
C LEU A 14 -1.38 -8.74 -21.88
N PHE A 15 -2.38 -8.55 -21.02
CA PHE A 15 -2.21 -7.68 -19.86
C PHE A 15 -2.53 -8.36 -18.53
N VAL A 17 -3.47 -6.91 -14.78
CA VAL A 17 -3.70 -5.65 -14.06
C VAL A 17 -3.83 -5.90 -12.57
N GLY A 18 -3.18 -5.04 -11.80
CA GLY A 18 -3.12 -5.18 -10.36
C GLY A 18 -4.42 -4.81 -9.69
N THR A 19 -4.64 -5.38 -8.51
CA THR A 19 -5.63 -4.89 -7.54
C THR A 19 -4.98 -5.11 -6.18
N ASP A 20 -5.39 -4.33 -5.20
CA ASP A 20 -4.88 -4.53 -3.86
C ASP A 20 -5.35 -5.90 -3.40
N ALA A 21 -4.50 -6.62 -2.66
CA ALA A 21 -4.80 -7.99 -2.27
C ALA A 21 -6.05 -8.09 -1.38
N ALA A 22 -6.46 -6.99 -0.75
CA ALA A 22 -7.56 -7.10 0.20
C ALA A 22 -8.87 -6.64 -0.41
N THR A 23 -8.84 -6.16 -1.65
CA THR A 23 -10.06 -5.64 -2.26
C THR A 23 -10.08 -5.83 -3.74
N ALA A 24 -11.20 -6.32 -4.26
CA ALA A 24 -11.41 -6.29 -5.71
C ALA A 24 -11.71 -4.83 -6.12
N GLU A 25 -10.66 -4.11 -6.50
CA GLU A 25 -10.77 -2.70 -6.81
C GLU A 25 -11.57 -2.46 -8.08
N GLN A 26 -12.38 -1.42 -8.09
CA GLN A 26 -13.22 -1.08 -9.24
C GLN A 26 -12.40 -0.87 -10.52
N VAL A 27 -11.21 -0.26 -10.41
CA VAL A 27 -10.33 -0.04 -11.58
C VAL A 27 -9.96 -1.37 -12.26
N THR A 28 -9.70 -2.39 -11.46
CA THR A 28 -9.35 -3.72 -11.97
C THR A 28 -10.55 -4.42 -12.60
N LEU A 29 -11.69 -4.35 -11.93
CA LEU A 29 -12.93 -4.88 -12.45
C LEU A 29 -13.30 -4.19 -13.77
N ASP A 30 -13.15 -2.87 -13.84
CA ASP A 30 -13.36 -2.18 -15.10
C ASP A 30 -12.35 -2.63 -16.17
N ALA A 31 -11.10 -2.85 -15.78
CA ALA A 31 -10.06 -3.26 -16.74
C ALA A 31 -10.49 -4.57 -17.40
N ILE A 32 -11.01 -5.51 -16.61
CA ILE A 32 -11.55 -6.76 -17.14
C ILE A 32 -12.80 -6.56 -18.01
N THR A 33 -13.78 -5.83 -17.50
CA THR A 33 -15.08 -5.73 -18.19
C THR A 33 -15.02 -4.78 -19.38
N ALA A 34 -14.41 -3.60 -19.20
CA ALA A 34 -14.44 -2.61 -20.28
C ALA A 34 -13.23 -2.70 -21.18
N SER A 35 -12.08 -3.13 -20.65
CA SER A 35 -10.87 -3.24 -21.48
C SER A 35 -10.49 -4.70 -21.84
N HIS A 36 -11.29 -5.65 -21.40
CA HIS A 36 -11.08 -7.08 -21.70
C HIS A 36 -9.76 -7.62 -21.16
N VAL A 37 -9.20 -6.96 -20.15
CA VAL A 37 -7.99 -7.50 -19.50
C VAL A 37 -8.24 -8.91 -18.95
N GLY A 38 -7.31 -9.80 -19.23
CA GLY A 38 -7.56 -11.23 -19.04
C GLY A 38 -6.83 -11.87 -17.87
N ASN A 39 -6.05 -11.07 -17.15
CA ASN A 39 -5.27 -11.59 -16.04
C ASN A 39 -5.19 -10.55 -14.94
N VAL A 40 -5.09 -11.01 -13.68
CA VAL A 40 -4.99 -10.10 -12.56
C VAL A 40 -3.85 -10.49 -11.63
N PHE A 41 -3.48 -9.52 -10.81
CA PHE A 41 -2.38 -9.67 -9.89
C PHE A 41 -2.80 -9.05 -8.56
N LEU A 42 -2.66 -9.79 -7.47
CA LEU A 42 -2.96 -9.23 -6.13
C LEU A 42 -1.74 -8.58 -5.50
N ALA A 43 -1.81 -7.27 -5.24
CA ALA A 43 -0.64 -6.46 -4.86
C ALA A 43 -0.65 -6.10 -3.39
N GLY A 44 0.50 -5.65 -2.91
CA GLY A 44 0.64 -5.14 -1.54
C GLY A 44 1.05 -6.16 -0.49
N ARG A 45 0.51 -6.03 0.72
CA ARG A 45 0.72 -7.01 1.79
C ARG A 45 -0.65 -7.13 2.44
N SER A 46 -1.22 -8.32 2.35
CA SER A 46 -2.49 -8.60 2.96
C SER A 46 -2.33 -9.59 4.09
N ASN A 47 -3.04 -9.32 5.17
CA ASN A 47 -3.05 -10.19 6.34
C ASN A 47 -4.45 -10.78 6.51
N ALA A 48 -5.29 -10.65 5.49
CA ALA A 48 -6.70 -10.99 5.69
C ALA A 48 -6.89 -12.50 5.81
N GLY A 49 -6.01 -13.27 5.18
CA GLY A 49 -6.10 -14.73 5.24
C GLY A 49 -6.71 -15.38 4.02
N VAL A 50 -6.74 -16.71 4.02
CA VAL A 50 -7.11 -17.49 2.84
C VAL A 50 -8.54 -17.23 2.37
N ASP A 51 -9.50 -17.38 3.28
CA ASP A 51 -10.92 -17.16 2.94
C ASP A 51 -11.19 -15.74 2.43
N ALA A 52 -10.64 -14.72 3.10
CA ALA A 52 -10.90 -13.35 2.66
C ALA A 52 -10.31 -13.10 1.27
N THR A 53 -9.14 -13.68 1.02
CA THR A 53 -8.50 -13.57 -0.29
C THR A 53 -9.33 -14.31 -1.36
N ALA A 54 -9.81 -15.52 -1.02
CA ALA A 54 -10.67 -16.25 -1.95
C ALA A 54 -11.89 -15.45 -2.34
N ALA A 55 -12.39 -14.62 -1.41
CA ALA A 55 -13.60 -13.82 -1.69
C ALA A 55 -13.27 -12.65 -2.64
N VAL A 56 -12.07 -12.10 -2.52
CA VAL A 56 -11.56 -11.10 -3.45
C VAL A 56 -11.44 -11.68 -4.85
N VAL A 57 -10.77 -12.83 -4.95
CA VAL A 57 -10.58 -13.47 -6.23
C VAL A 57 -11.92 -13.82 -6.86
N GLU A 58 -12.86 -14.30 -6.04
CA GLU A 58 -14.18 -14.66 -6.56
C GLU A 58 -14.82 -13.46 -7.28
N GLN A 59 -14.70 -12.25 -6.74
CA GLN A 59 -15.25 -11.07 -7.37
C GLN A 59 -14.61 -10.76 -8.73
N LEU A 60 -13.31 -11.04 -8.80
CA LEU A 60 -12.56 -10.79 -10.03
C LEU A 60 -12.97 -11.83 -11.06
N THR A 61 -13.05 -13.09 -10.67
CA THR A 61 -13.32 -14.13 -11.65
C THR A 61 -14.77 -14.01 -12.10
N ALA A 62 -15.59 -13.39 -11.27
CA ALA A 62 -17.01 -13.19 -11.61
C ALA A 62 -17.15 -12.20 -12.76
N ALA A 63 -16.09 -11.47 -13.08
CA ALA A 63 -16.16 -10.51 -14.16
C ALA A 63 -15.82 -11.17 -15.47
N VAL A 64 -15.37 -12.43 -15.45
CA VAL A 64 -15.13 -13.08 -16.73
C VAL A 64 -16.49 -13.51 -17.22
N THR A 65 -16.77 -13.08 -18.44
CA THR A 65 -17.99 -13.32 -19.20
C THR A 65 -17.53 -13.52 -20.63
N ASP A 66 -18.46 -13.85 -21.52
CA ASP A 66 -18.12 -14.01 -22.91
C ASP A 66 -17.75 -12.66 -23.55
N GLU A 67 -18.51 -11.63 -23.22
CA GLU A 67 -18.22 -10.28 -23.67
C GLU A 67 -16.92 -9.72 -23.10
N ALA A 68 -16.57 -10.09 -21.88
CA ALA A 68 -15.34 -9.57 -21.27
C ALA A 68 -14.09 -10.23 -21.86
N THR A 69 -13.99 -11.56 -21.76
CA THR A 69 -12.76 -12.26 -22.11
C THR A 69 -13.04 -13.49 -22.99
N GLY A 70 -14.19 -13.50 -23.65
CA GLY A 70 -14.59 -14.67 -24.45
C GLY A 70 -14.71 -15.93 -23.59
N GLY A 71 -14.98 -15.73 -22.30
CA GLY A 71 -15.10 -16.83 -21.36
C GLY A 71 -13.76 -17.38 -20.89
N VAL A 72 -12.66 -16.84 -21.38
CA VAL A 72 -11.33 -17.29 -20.96
C VAL A 72 -11.08 -16.93 -19.49
N PRO A 73 -10.66 -17.93 -18.69
CA PRO A 73 -10.47 -17.65 -17.26
C PRO A 73 -9.24 -16.79 -16.98
N LEU A 74 -9.22 -16.13 -15.84
CA LEU A 74 -8.10 -15.32 -15.42
C LEU A 74 -6.92 -16.17 -14.98
N LEU A 75 -5.72 -15.74 -15.35
CA LEU A 75 -4.54 -16.03 -14.56
C LEU A 75 -4.64 -15.10 -13.33
N VAL A 76 -4.57 -15.69 -12.15
CA VAL A 76 -4.65 -14.93 -10.91
C VAL A 76 -3.31 -15.11 -10.20
N ALA A 77 -2.53 -14.06 -10.19
CA ALA A 77 -1.16 -14.11 -9.72
C ALA A 77 -0.99 -13.32 -8.47
N THR A 78 0.03 -13.65 -7.68
CA THR A 78 0.49 -12.72 -6.66
C THR A 78 2.00 -12.94 -6.48
N ASP A 79 2.62 -12.12 -5.64
CA ASP A 79 4.04 -12.26 -5.28
C ASP A 79 4.20 -13.05 -4.00
N GLN A 80 4.35 -14.39 -4.10
CA GLN A 80 4.49 -15.19 -2.88
C GLN A 80 5.85 -15.88 -2.91
N GLU A 81 6.92 -15.11 -2.75
CA GLU A 81 8.29 -15.68 -2.74
C GLU A 81 8.63 -16.23 -1.38
N GLY A 82 8.16 -15.53 -0.34
CA GLY A 82 8.63 -15.76 1.02
C GLY A 82 9.47 -14.60 1.58
N GLY A 83 9.57 -14.54 2.90
CA GLY A 83 10.42 -13.57 3.56
C GLY A 83 9.95 -12.13 3.37
N ASN A 84 10.81 -11.32 2.76
CA ASN A 84 10.48 -9.91 2.53
C ASN A 84 9.47 -9.73 1.39
N VAL A 85 9.15 -10.79 0.66
CA VAL A 85 8.15 -10.68 -0.41
C VAL A 85 7.10 -11.79 -0.27
N GLN A 86 6.08 -11.50 0.52
CA GLN A 86 4.98 -12.45 0.70
C GLN A 86 3.72 -11.62 0.78
N VAL A 87 3.00 -11.50 -0.34
CA VAL A 87 1.86 -10.61 -0.36
C VAL A 87 0.75 -11.18 0.54
N LEU A 88 0.59 -12.49 0.54
CA LEU A 88 -0.56 -13.09 1.22
C LEU A 88 -0.13 -13.74 2.53
N ARG A 89 -0.64 -13.18 3.61
CA ARG A 89 -0.25 -13.59 4.94
C ARG A 89 -1.50 -13.69 5.79
N GLY A 90 -1.39 -14.28 6.99
CA GLY A 90 -2.51 -14.30 7.91
C GLY A 90 -3.14 -15.67 8.05
N PRO A 91 -4.41 -15.72 8.53
CA PRO A 91 -5.10 -16.99 8.79
C PRO A 91 -5.12 -17.94 7.58
N GLY A 92 -4.51 -19.11 7.77
CA GLY A 92 -4.44 -20.12 6.71
C GLY A 92 -3.19 -20.06 5.85
N PHE A 93 -2.37 -19.02 6.04
CA PHE A 93 -1.11 -18.88 5.29
C PHE A 93 0.09 -19.15 6.19
N SER A 94 1.03 -19.96 5.70
CA SER A 94 2.33 -20.13 6.36
C SER A 94 3.11 -18.81 6.43
N ASP A 95 4.01 -18.68 7.39
CA ASP A 95 5.01 -17.61 7.34
C ASP A 95 6.20 -18.20 6.60
N ILE A 96 6.31 -17.88 5.31
CA ILE A 96 7.29 -18.44 4.42
C ILE A 96 8.64 -17.75 4.63
N PRO A 97 9.71 -18.54 4.83
CA PRO A 97 11.06 -17.96 5.02
C PRO A 97 11.59 -17.26 3.76
N THR A 98 12.66 -16.47 3.90
CA THR A 98 13.31 -15.82 2.76
C THR A 98 13.78 -16.93 1.83
N ALA A 99 13.90 -16.63 0.54
CA ALA A 99 14.46 -17.59 -0.42
C ALA A 99 15.86 -17.99 0.02
N LEU A 100 16.56 -17.09 0.71
CA LEU A 100 17.94 -17.40 1.11
C LEU A 100 17.90 -18.53 2.12
N ASP A 101 17.02 -18.41 3.12
CA ASP A 101 16.76 -19.51 4.07
C ASP A 101 16.29 -20.77 3.34
N GLN A 102 15.38 -20.61 2.37
CA GLN A 102 14.92 -21.76 1.58
C GLN A 102 16.11 -22.45 0.90
N GLY A 103 17.09 -21.66 0.46
CA GLY A 103 18.30 -22.21 -0.15
C GLY A 103 19.15 -23.12 0.75
N ALA A 104 18.96 -23.04 2.06
CA ALA A 104 19.72 -23.88 2.98
C ALA A 104 19.04 -25.23 3.25
N LEU A 105 17.82 -25.41 2.74
CA LEU A 105 17.10 -26.68 2.84
C LEU A 105 17.50 -27.69 1.73
N ASP A 106 17.51 -28.98 2.07
CA ASP A 106 17.52 -30.05 1.06
C ASP A 106 16.40 -29.73 0.09
N PRO A 107 16.65 -29.84 -1.22
CA PRO A 107 15.60 -29.56 -2.21
C PRO A 107 14.30 -30.35 -1.96
N ALA A 108 14.45 -31.61 -1.55
CA ALA A 108 13.31 -32.45 -1.19
C ALA A 108 12.42 -31.78 -0.12
N THR A 109 13.05 -31.25 0.91
CA THR A 109 12.34 -30.58 1.99
C THR A 109 11.66 -29.30 1.50
N LEU A 110 12.36 -28.54 0.67
CA LEU A 110 11.86 -27.30 0.09
C LEU A 110 10.66 -27.57 -0.79
N GLN A 111 10.76 -28.63 -1.60
CA GLN A 111 9.66 -29.02 -2.48
C GLN A 111 8.41 -29.39 -1.66
N ALA A 112 8.61 -30.11 -0.56
CA ALA A 112 7.50 -30.46 0.33
C ALA A 112 6.88 -29.21 0.96
N ASP A 113 7.72 -28.31 1.47
CA ASP A 113 7.19 -27.08 2.06
C ASP A 113 6.51 -26.22 0.99
N ALA A 114 7.02 -26.24 -0.24
CA ALA A 114 6.44 -25.36 -1.28
C ALA A 114 5.12 -25.95 -1.75
N THR A 115 4.97 -27.26 -1.60
CA THR A 115 3.69 -27.89 -1.91
C THR A 115 2.62 -27.35 -0.94
N THR A 116 3.00 -27.27 0.32
CA THR A 116 2.13 -26.71 1.34
C THR A 116 1.79 -25.26 1.00
N TRP A 117 2.81 -24.45 0.70
CA TRP A 117 2.61 -23.02 0.40
C TRP A 117 1.71 -22.86 -0.81
N GLY A 118 1.94 -23.68 -1.80
CA GLY A 118 1.10 -23.70 -2.99
C GLY A 118 -0.37 -24.03 -2.73
N ALA A 119 -0.62 -24.99 -1.82
CA ALA A 119 -1.98 -25.42 -1.50
C ALA A 119 -2.79 -24.26 -0.89
N GLU A 120 -2.10 -23.45 -0.09
CA GLU A 120 -2.69 -22.27 0.53
C GLU A 120 -3.01 -21.25 -0.56
N LEU A 121 -2.07 -21.05 -1.49
CA LEU A 121 -2.34 -20.14 -2.61
C LEU A 121 -3.54 -20.62 -3.39
N ALA A 122 -3.55 -21.90 -3.80
CA ALA A 122 -4.63 -22.46 -4.61
C ALA A 122 -5.96 -22.33 -3.89
N ALA A 123 -5.97 -22.56 -2.58
CA ALA A 123 -7.22 -22.45 -1.84
C ALA A 123 -7.74 -21.00 -1.80
N SER A 124 -6.84 -20.02 -1.94
N SER A 124 -6.84 -20.02 -1.94
CA SER A 124 -7.24 -18.61 -1.97
CA SER A 124 -7.27 -18.62 -1.95
C SER A 124 -7.68 -18.17 -3.36
C SER A 124 -7.53 -18.14 -3.37
N GLY A 125 -7.56 -19.08 -4.32
CA GLY A 125 -7.87 -18.76 -5.72
C GLY A 125 -6.73 -18.31 -6.62
N ILE A 126 -5.52 -18.32 -6.07
CA ILE A 126 -4.31 -17.99 -6.84
C ILE A 126 -3.96 -19.19 -7.71
N ASN A 127 -3.62 -18.99 -8.98
CA ASN A 127 -3.10 -20.09 -9.81
C ASN A 127 -1.77 -19.75 -10.46
N LEU A 128 -1.23 -18.57 -10.18
CA LEU A 128 0.09 -18.25 -10.70
C LEU A 128 0.90 -17.54 -9.64
N ASN A 129 2.09 -18.04 -9.36
CA ASN A 129 3.02 -17.38 -8.43
C ASN A 129 4.13 -16.67 -9.22
N LEU A 130 4.32 -15.37 -8.98
CA LEU A 130 5.47 -14.67 -9.57
C LEU A 130 6.71 -14.96 -8.72
N ALA A 131 7.21 -16.18 -8.89
CA ALA A 131 8.33 -16.74 -8.13
C ALA A 131 8.53 -18.11 -8.76
N PRO A 132 9.69 -18.77 -8.61
CA PRO A 132 10.84 -18.38 -7.78
C PRO A 132 11.79 -17.42 -8.47
N VAL A 133 12.49 -16.63 -7.67
CA VAL A 133 13.65 -15.85 -8.09
C VAL A 133 14.81 -16.77 -8.49
N ASP A 135 17.51 -15.34 -10.02
CA ASP A 135 18.60 -14.42 -10.12
C ASP A 135 19.74 -15.01 -9.32
N VAL A 136 20.98 -14.82 -9.76
CA VAL A 136 22.12 -15.29 -8.99
C VAL A 136 22.90 -14.09 -8.46
N VAL A 137 23.12 -14.05 -7.15
CA VAL A 137 23.91 -12.97 -6.54
C VAL A 137 25.36 -13.49 -6.53
N ALA A 138 26.34 -12.59 -6.67
CA ALA A 138 27.73 -13.02 -6.94
C ALA A 138 28.36 -13.77 -5.78
N SER A 139 28.06 -13.31 -4.57
CA SER A 139 28.65 -13.83 -3.34
C SER A 139 27.89 -13.28 -2.12
N PRO A 140 27.97 -13.97 -0.97
CA PRO A 140 27.25 -13.46 0.20
C PRO A 140 27.75 -12.07 0.66
N GLU A 141 29.03 -11.75 0.46
CA GLU A 141 29.58 -10.43 0.84
C GLU A 141 29.10 -9.34 -0.10
N ALA A 142 28.83 -9.70 -1.35
CA ALA A 142 28.31 -8.72 -2.29
C ALA A 142 26.78 -8.54 -2.18
N ALA A 143 26.12 -9.32 -1.33
CA ALA A 143 24.67 -9.44 -1.41
C ALA A 143 24.01 -8.13 -1.02
N ALA A 144 24.53 -7.48 0.01
CA ALA A 144 23.91 -6.25 0.52
C ALA A 144 24.01 -5.12 -0.48
N ALA A 145 24.95 -5.23 -1.42
CA ALA A 145 25.19 -4.17 -2.38
C ALA A 145 24.25 -4.23 -3.58
N ASN A 146 23.45 -5.29 -3.67
CA ASN A 146 22.46 -5.54 -4.74
C ASN A 146 21.03 -5.22 -4.26
N PRO A 147 20.53 -4.02 -4.56
CA PRO A 147 19.29 -3.55 -3.93
C PRO A 147 18.02 -4.40 -4.19
N PRO A 148 17.78 -4.90 -5.42
CA PRO A 148 16.51 -5.65 -5.53
C PRO A 148 16.52 -7.06 -4.93
N ILE A 149 17.61 -7.79 -5.06
CA ILE A 149 17.55 -9.19 -4.67
C ILE A 149 18.37 -9.42 -3.38
N GLY A 150 19.67 -9.21 -3.48
CA GLY A 150 20.57 -9.51 -2.38
C GLY A 150 20.17 -8.83 -1.08
N TYR A 151 19.87 -7.53 -1.17
CA TYR A 151 19.55 -6.71 0.00
C TYR A 151 18.41 -7.32 0.81
N PHE A 152 17.48 -7.96 0.11
CA PHE A 152 16.25 -8.47 0.68
C PHE A 152 16.25 -9.98 0.90
N HIS A 153 17.41 -10.61 0.67
CA HIS A 153 17.56 -12.07 0.83
C HIS A 153 16.59 -12.86 -0.06
N ARG A 154 16.37 -12.38 -1.29
CA ARG A 154 15.43 -13.03 -2.22
C ARG A 154 16.09 -14.03 -3.15
N GLU A 155 17.41 -14.16 -3.05
CA GLU A 155 18.19 -15.12 -3.83
C GLU A 155 18.23 -16.44 -3.07
N PHE A 156 18.32 -17.56 -3.81
CA PHE A 156 18.43 -18.89 -3.21
C PHE A 156 19.90 -19.19 -2.89
N GLY A 157 20.82 -18.47 -3.50
CA GLY A 157 22.25 -18.75 -3.37
C GLY A 157 23.09 -17.99 -4.40
N TYR A 158 24.32 -18.43 -4.60
CA TYR A 158 25.35 -17.57 -5.20
C TYR A 158 26.04 -18.26 -6.36
N ASP A 159 25.42 -19.33 -6.84
CA ASP A 159 25.86 -20.05 -8.02
C ASP A 159 24.68 -20.74 -8.73
N ALA A 160 24.88 -21.09 -9.99
CA ALA A 160 23.79 -21.60 -10.82
C ALA A 160 23.24 -22.92 -10.30
N GLU A 161 24.10 -23.76 -9.70
CA GLU A 161 23.63 -25.08 -9.30
C GLU A 161 22.72 -25.02 -8.07
N THR A 162 23.11 -24.25 -7.07
CA THR A 162 22.31 -24.09 -5.86
C THR A 162 20.98 -23.45 -6.19
N VAL A 163 21.03 -22.36 -6.93
CA VAL A 163 19.82 -21.63 -7.33
C VAL A 163 18.90 -22.53 -8.13
N ALA A 164 19.43 -23.23 -9.12
CA ALA A 164 18.64 -24.17 -9.91
C ALA A 164 17.93 -25.23 -9.07
N SER A 165 18.68 -25.92 -8.22
CA SER A 165 18.11 -27.04 -7.48
C SER A 165 17.02 -26.58 -6.49
N HIS A 166 17.17 -25.39 -5.92
CA HIS A 166 16.17 -24.96 -4.97
C HIS A 166 14.97 -24.33 -5.66
N ALA A 167 15.20 -23.45 -6.64
CA ALA A 167 14.08 -22.82 -7.30
C ALA A 167 13.25 -23.87 -8.04
N ASN A 168 13.92 -24.87 -8.60
CA ASN A 168 13.20 -25.90 -9.34
C ASN A 168 12.39 -26.78 -8.39
N ALA A 169 12.91 -26.94 -7.18
CA ALA A 169 12.23 -27.70 -6.14
C ALA A 169 10.98 -26.92 -5.76
N PHE A 170 11.14 -25.60 -5.59
CA PHE A 170 10.05 -24.71 -5.21
C PHE A 170 8.95 -24.77 -6.29
N SER A 171 9.36 -24.65 -7.54
CA SER A 171 8.44 -24.72 -8.67
C SER A 171 7.68 -26.05 -8.66
N ALA A 172 8.41 -27.14 -8.47
CA ALA A 172 7.81 -28.47 -8.49
C ALA A 172 6.68 -28.64 -7.44
N GLY A 173 6.91 -28.15 -6.21
CA GLY A 173 5.89 -28.25 -5.18
C GLY A 173 4.69 -27.35 -5.46
N ARG A 175 3.66 -26.42 -8.55
CA ARG A 175 2.91 -27.12 -9.58
C ARG A 175 2.13 -28.32 -9.01
N ALA A 176 2.71 -29.04 -8.04
CA ALA A 176 2.03 -30.21 -7.47
C ALA A 176 0.74 -29.80 -6.76
N SER A 177 0.67 -28.54 -6.35
CA SER A 177 -0.55 -28.01 -5.74
C SER A 177 -1.41 -27.18 -6.70
N GLY A 178 -1.13 -27.22 -8.00
CA GLY A 178 -1.93 -26.53 -9.00
C GLY A 178 -1.60 -25.07 -9.24
N VAL A 179 -0.41 -24.64 -8.81
CA VAL A 179 0.01 -23.24 -8.98
C VAL A 179 1.22 -23.18 -9.88
N GLU A 180 1.09 -22.56 -11.04
CA GLU A 180 2.23 -22.40 -11.94
C GLU A 180 3.15 -21.33 -11.40
N THR A 181 4.41 -21.36 -11.83
CA THR A 181 5.39 -20.39 -11.37
C THR A 181 5.92 -19.53 -12.52
N VAL A 182 6.51 -18.39 -12.18
CA VAL A 182 7.17 -17.52 -13.13
C VAL A 182 8.61 -17.33 -12.71
N ILE A 183 9.59 -17.87 -13.41
CA ILE A 183 10.96 -17.67 -12.95
C ILE A 183 11.38 -16.24 -13.30
N LYS A 184 12.09 -15.57 -12.39
CA LYS A 184 12.37 -14.13 -12.56
C LYS A 184 13.77 -13.80 -11.98
N HIS A 185 14.45 -12.74 -12.42
CA HIS A 185 14.06 -11.84 -13.51
C HIS A 185 15.10 -11.88 -14.61
N PHE A 186 14.73 -12.45 -15.75
CA PHE A 186 15.67 -12.70 -16.83
C PHE A 186 16.16 -11.40 -17.46
N PRO A 187 17.47 -11.28 -17.72
CA PRO A 187 18.53 -12.32 -17.61
C PRO A 187 19.26 -12.40 -16.28
N GLY A 188 18.75 -11.70 -15.27
CA GLY A 188 19.34 -11.75 -13.93
C GLY A 188 19.47 -10.38 -13.28
N LEU A 189 18.84 -10.21 -12.13
CA LEU A 189 18.80 -8.92 -11.44
C LEU A 189 19.69 -8.92 -10.20
N GLY A 190 20.43 -10.00 -10.00
CA GLY A 190 21.24 -10.13 -8.81
C GLY A 190 22.56 -9.40 -8.83
N ARG A 191 22.84 -8.64 -9.90
CA ARG A 191 24.13 -7.97 -9.98
C ARG A 191 24.03 -6.45 -10.25
N VAL A 192 22.83 -5.90 -10.37
CA VAL A 192 22.71 -4.44 -10.45
C VAL A 192 23.03 -3.82 -9.10
N THR A 193 23.51 -2.58 -9.11
CA THR A 193 23.81 -1.87 -7.88
C THR A 193 22.77 -0.77 -7.57
N GLU A 194 21.74 -0.66 -8.41
CA GLU A 194 20.61 0.23 -8.14
C GLU A 194 19.31 -0.48 -8.33
N ASN A 195 18.22 0.13 -7.85
CA ASN A 195 16.89 -0.49 -7.90
C ASN A 195 16.03 0.10 -9.04
N THR A 196 15.58 -0.74 -9.96
CA THR A 196 14.77 -0.25 -11.08
C THR A 196 13.40 0.30 -10.65
N ASP A 197 12.91 -0.06 -9.47
CA ASP A 197 11.68 0.50 -8.91
C ASP A 197 11.75 2.01 -8.73
N THR A 198 12.90 2.47 -8.24
CA THR A 198 13.04 3.85 -7.78
C THR A 198 14.08 4.68 -8.53
N THR A 199 14.90 4.04 -9.34
CA THR A 199 16.01 4.71 -10.03
C THR A 199 15.86 4.45 -11.53
N ALA A 200 16.26 5.38 -12.40
CA ALA A 200 16.23 5.10 -13.85
C ALA A 200 17.66 5.09 -14.36
N GLY A 201 17.86 4.59 -15.58
CA GLY A 201 19.21 4.46 -16.10
C GLY A 201 19.99 3.37 -15.39
N VAL A 202 19.28 2.38 -14.84
CA VAL A 202 19.95 1.27 -14.19
C VAL A 202 20.60 0.37 -15.21
N VAL A 203 21.91 0.26 -15.09
CA VAL A 203 22.73 -0.48 -16.04
C VAL A 203 23.46 -1.57 -15.26
N ASP A 204 23.32 -2.81 -15.71
CA ASP A 204 24.13 -3.93 -15.26
C ASP A 204 25.32 -3.99 -16.22
N ASP A 205 26.54 -3.86 -15.69
CA ASP A 205 27.74 -3.87 -16.52
C ASP A 205 28.57 -5.17 -16.47
N VAL A 206 28.02 -6.24 -15.89
CA VAL A 206 28.82 -7.47 -15.68
C VAL A 206 28.14 -8.74 -16.15
N THR A 207 26.80 -8.77 -16.18
CA THR A 207 26.05 -9.96 -16.57
C THR A 207 26.11 -10.15 -18.08
N THR A 208 26.74 -11.24 -18.54
CA THR A 208 26.77 -11.67 -19.94
C THR A 208 25.76 -12.80 -20.18
N ALA A 209 25.63 -13.23 -21.44
CA ALA A 209 24.76 -14.36 -21.79
C ALA A 209 25.27 -15.69 -21.19
N ASP A 210 26.55 -15.71 -20.80
CA ASP A 210 27.16 -16.89 -20.16
C ASP A 210 27.11 -16.84 -18.63
N ASP A 211 26.57 -15.75 -18.09
CA ASP A 211 26.52 -15.57 -16.65
C ASP A 211 25.84 -16.77 -16.01
N ALA A 212 26.23 -17.03 -14.77
CA ALA A 212 25.61 -18.02 -13.93
C ALA A 212 24.09 -17.82 -13.84
N SER A 213 23.64 -16.57 -13.83
N SER A 213 23.63 -16.58 -13.83
CA SER A 213 22.21 -16.29 -13.78
CA SER A 213 22.18 -16.34 -13.76
C SER A 213 21.52 -16.86 -15.01
C SER A 213 21.49 -16.85 -15.03
N VAL A 214 22.08 -16.59 -16.18
CA VAL A 214 21.54 -17.14 -17.42
C VAL A 214 21.58 -18.66 -17.41
N GLN A 215 22.65 -19.26 -16.86
CA GLN A 215 22.69 -20.70 -16.68
C GLN A 215 21.57 -21.18 -15.72
N ALA A 216 21.29 -20.41 -14.68
CA ALA A 216 20.20 -20.76 -13.77
C ALA A 216 18.87 -20.77 -14.51
N PHE A 217 18.63 -19.75 -15.35
CA PHE A 217 17.33 -19.63 -16.03
C PHE A 217 17.19 -20.79 -16.99
N ALA A 218 18.28 -21.14 -17.68
CA ALA A 218 18.26 -22.29 -18.60
C ALA A 218 17.80 -23.52 -17.86
N ALA A 219 18.36 -23.78 -16.66
CA ALA A 219 17.96 -24.94 -15.87
C ALA A 219 16.48 -24.87 -15.44
N GLY A 220 15.95 -23.66 -15.25
CA GLY A 220 14.55 -23.47 -14.95
C GLY A 220 13.67 -23.83 -16.15
N ILE A 221 14.11 -23.39 -17.32
CA ILE A 221 13.42 -23.65 -18.58
C ILE A 221 13.47 -25.15 -18.91
N ASP A 222 14.64 -25.76 -18.77
CA ASP A 222 14.81 -27.18 -19.07
C ASP A 222 13.99 -28.03 -18.13
N ALA A 223 13.80 -27.54 -16.91
CA ALA A 223 13.05 -28.31 -15.94
C ALA A 223 11.55 -28.04 -16.08
N GLY A 224 11.14 -27.28 -17.10
CA GLY A 224 9.73 -27.21 -17.44
C GLY A 224 9.02 -25.88 -17.22
N ALA A 225 9.76 -24.80 -16.93
CA ALA A 225 9.18 -23.48 -16.68
C ALA A 225 8.22 -23.06 -17.81
N ALA A 226 7.04 -22.55 -17.45
CA ALA A 226 5.99 -22.22 -18.40
C ALA A 226 5.85 -20.72 -18.58
N PHE A 227 6.43 -19.98 -17.62
CA PHE A 227 6.42 -18.50 -17.59
C PHE A 227 7.80 -18.02 -17.17
N VAL A 228 8.27 -16.99 -17.84
CA VAL A 228 9.51 -16.31 -17.48
C VAL A 228 9.23 -14.82 -17.39
N THR A 230 10.87 -10.96 -17.31
CA THR A 230 12.05 -10.18 -17.72
C THR A 230 12.26 -8.96 -16.80
N SER A 231 13.54 -8.63 -16.61
CA SER A 231 14.09 -7.43 -15.98
C SER A 231 13.93 -6.17 -16.84
N THR A 232 13.89 -4.99 -16.22
CA THR A 232 13.90 -3.75 -17.02
C THR A 232 15.27 -3.07 -16.97
N ALA A 233 16.24 -3.68 -16.31
CA ALA A 233 17.60 -3.16 -16.30
C ALA A 233 18.20 -3.13 -17.70
N VAL A 234 19.20 -2.27 -17.92
CA VAL A 234 19.91 -2.27 -19.19
C VAL A 234 21.16 -3.11 -19.02
N TYR A 235 21.36 -4.10 -19.88
CA TYR A 235 22.48 -5.05 -19.73
C TYR A 235 23.58 -4.72 -20.76
N SER A 236 24.59 -3.97 -20.31
CA SER A 236 25.73 -3.56 -21.14
C SER A 236 26.35 -4.66 -21.99
N GLN A 237 26.47 -5.85 -21.42
CA GLN A 237 27.25 -6.92 -22.08
C GLN A 237 26.38 -7.84 -22.92
N ILE A 238 25.08 -7.57 -23.00
CA ILE A 238 24.15 -8.38 -23.78
C ILE A 238 23.47 -7.48 -24.78
N ASP A 239 22.74 -6.48 -24.30
CA ASP A 239 22.20 -5.45 -25.21
C ASP A 239 22.09 -4.10 -24.54
N PRO A 240 23.02 -3.20 -24.86
CA PRO A 240 23.08 -1.91 -24.14
C PRO A 240 22.09 -0.87 -24.67
N ASP A 241 21.31 -1.21 -25.70
CA ASP A 241 20.44 -0.26 -26.39
C ASP A 241 19.05 -0.10 -25.78
N ALA A 242 18.67 -0.96 -24.85
CA ALA A 242 17.33 -0.89 -24.27
C ALA A 242 17.26 -1.60 -22.95
N PRO A 243 16.29 -1.20 -22.13
CA PRO A 243 15.84 -2.06 -21.03
C PRO A 243 15.59 -3.50 -21.49
N ALA A 244 16.05 -4.52 -20.75
CA ALA A 244 15.96 -5.92 -21.23
C ALA A 244 14.56 -6.26 -21.68
N ALA A 245 13.54 -5.81 -20.92
CA ALA A 245 12.14 -6.12 -21.21
C ALA A 245 11.69 -5.59 -22.57
N PHE A 246 12.42 -4.63 -23.11
CA PHE A 246 12.13 -4.00 -24.39
C PHE A 246 13.12 -4.46 -25.46
N SER A 247 13.99 -5.40 -25.12
CA SER A 247 15.02 -5.81 -26.08
C SER A 247 14.60 -7.04 -26.89
N ARG A 248 14.38 -6.85 -28.20
CA ARG A 248 14.14 -8.02 -29.05
C ARG A 248 15.27 -9.04 -28.87
N GLU A 249 16.52 -8.58 -28.77
CA GLU A 249 17.64 -9.51 -28.69
C GLU A 249 17.62 -10.36 -27.43
N ILE A 250 17.28 -9.74 -26.31
CA ILE A 250 17.33 -10.47 -25.05
C ILE A 250 16.12 -11.39 -24.95
N VAL A 251 14.94 -10.88 -25.31
CA VAL A 251 13.68 -11.62 -25.10
C VAL A 251 13.48 -12.70 -26.15
N SER A 252 13.67 -12.34 -27.42
CA SER A 252 13.42 -13.26 -28.50
C SER A 252 14.66 -14.03 -28.94
N ASP A 253 15.79 -13.38 -29.21
CA ASP A 253 16.97 -14.12 -29.69
C ASP A 253 17.60 -14.95 -28.56
N LEU A 254 17.78 -14.40 -27.36
CA LEU A 254 18.45 -15.14 -26.30
C LEU A 254 17.50 -16.12 -25.60
N LEU A 255 16.46 -15.57 -24.98
CA LEU A 255 15.50 -16.33 -24.17
C LEU A 255 14.73 -17.36 -25.01
N ARG A 256 14.01 -16.91 -26.04
CA ARG A 256 13.27 -17.84 -26.88
C ARG A 256 14.16 -18.61 -27.87
N GLY A 257 15.20 -17.96 -28.40
CA GLY A 257 16.02 -18.60 -29.42
C GLY A 257 17.05 -19.54 -28.85
N GLN A 258 18.10 -18.99 -28.25
CA GLN A 258 19.22 -19.73 -27.66
C GLN A 258 18.76 -20.74 -26.59
N LEU A 259 17.98 -20.25 -25.63
CA LEU A 259 17.57 -20.99 -24.44
C LEU A 259 16.33 -21.85 -24.75
N GLY A 260 15.69 -21.56 -25.89
CA GLY A 260 14.60 -22.36 -26.39
C GLY A 260 13.27 -22.22 -25.63
N PHE A 261 13.10 -21.13 -24.89
CA PHE A 261 11.85 -20.97 -24.14
C PHE A 261 10.66 -20.71 -25.09
N ASP A 262 9.64 -21.55 -24.94
CA ASP A 262 8.41 -21.53 -25.75
C ASP A 262 7.16 -20.99 -25.04
N GLY A 263 7.30 -20.70 -23.73
CA GLY A 263 6.14 -20.37 -22.91
C GLY A 263 5.87 -18.88 -22.90
N VAL A 264 5.32 -18.40 -21.79
CA VAL A 264 4.82 -17.05 -21.69
C VAL A 264 5.85 -16.13 -21.03
N VAL A 265 6.17 -15.02 -21.70
CA VAL A 265 7.10 -14.02 -21.20
C VAL A 265 6.30 -12.89 -20.53
N VAL A 266 6.61 -12.62 -19.27
CA VAL A 266 5.92 -11.59 -18.48
C VAL A 266 6.90 -10.47 -18.20
N THR A 267 6.49 -9.21 -18.37
CA THR A 267 7.36 -8.10 -17.95
C THR A 267 7.37 -8.01 -16.45
N ASP A 268 8.45 -7.42 -15.92
CA ASP A 268 8.41 -6.86 -14.57
C ASP A 268 7.31 -5.74 -14.60
N ASP A 269 6.82 -5.32 -13.45
CA ASP A 269 5.84 -4.24 -13.47
C ASP A 269 6.35 -3.03 -14.24
N VAL A 270 5.61 -2.53 -15.23
CA VAL A 270 6.07 -1.34 -15.96
C VAL A 270 5.20 -0.12 -15.64
N SER A 271 4.24 -0.29 -14.72
CA SER A 271 3.27 0.77 -14.43
C SER A 271 3.91 1.94 -13.68
N ALA A 272 4.74 1.69 -12.65
CA ALA A 272 5.27 2.81 -11.85
C ALA A 272 6.80 2.77 -11.66
N ALA A 273 7.42 1.63 -11.99
CA ALA A 273 8.87 1.48 -11.90
C ALA A 273 9.61 2.62 -12.59
N GLU A 274 10.45 3.31 -11.82
CA GLU A 274 11.10 4.52 -12.28
C GLU A 274 11.91 4.26 -13.54
N GLN A 275 12.46 3.06 -13.67
CA GLN A 275 13.35 2.73 -14.77
C GLN A 275 12.65 2.91 -16.12
N VAL A 276 11.32 2.77 -16.19
CA VAL A 276 10.66 2.94 -17.49
C VAL A 276 9.69 4.11 -17.60
N GLN A 277 9.72 5.03 -16.64
CA GLN A 277 8.80 6.17 -16.68
C GLN A 277 9.11 7.13 -17.82
N ALA A 278 10.35 7.12 -18.37
CA ALA A 278 10.70 7.96 -19.54
C ALA A 278 9.83 7.69 -20.77
N TRP A 279 9.28 6.48 -20.86
CA TRP A 279 8.37 6.10 -21.93
C TRP A 279 6.93 6.25 -21.50
N SER A 280 6.06 6.67 -22.42
CA SER A 280 4.65 6.73 -22.12
C SER A 280 4.15 5.32 -21.74
N PRO A 281 3.04 5.24 -20.99
CA PRO A 281 2.51 3.91 -20.71
C PRO A 281 2.22 3.11 -21.98
N ALA A 282 1.69 3.76 -23.01
CA ALA A 282 1.40 3.11 -24.28
C ALA A 282 2.69 2.53 -24.88
N ASP A 283 3.76 3.32 -24.90
CA ASP A 283 5.04 2.80 -25.45
C ASP A 283 5.64 1.67 -24.64
N ARG A 284 5.47 1.69 -23.32
CA ARG A 284 5.96 0.56 -22.52
C ARG A 284 5.34 -0.75 -23.00
N ALA A 285 4.03 -0.72 -23.20
CA ALA A 285 3.32 -1.93 -23.60
C ALA A 285 3.77 -2.36 -25.01
N ILE A 286 3.81 -1.39 -25.92
CA ILE A 286 4.12 -1.66 -27.30
C ILE A 286 5.55 -2.20 -27.43
N LEU A 287 6.51 -1.55 -26.78
CA LEU A 287 7.90 -2.01 -26.86
C LEU A 287 8.07 -3.40 -26.24
N ALA A 288 7.40 -3.67 -25.11
CA ALA A 288 7.48 -4.99 -24.48
C ALA A 288 7.01 -6.09 -25.47
N ILE A 289 5.82 -5.89 -26.02
CA ILE A 289 5.22 -6.81 -26.94
C ILE A 289 6.12 -6.99 -28.19
N GLU A 290 6.62 -5.90 -28.75
CA GLU A 290 7.48 -6.04 -29.94
C GLU A 290 8.73 -6.83 -29.65
N ALA A 291 9.24 -6.75 -28.42
CA ALA A 291 10.43 -7.52 -27.99
C ALA A 291 10.16 -9.03 -27.89
N GLY A 292 8.90 -9.39 -27.68
CA GLY A 292 8.49 -10.79 -27.64
C GLY A 292 7.76 -11.09 -26.34
N THR A 293 7.31 -10.05 -25.63
CA THR A 293 6.53 -10.19 -24.40
C THR A 293 5.11 -10.70 -24.65
N ASP A 294 4.63 -11.63 -23.83
CA ASP A 294 3.22 -12.06 -23.90
C ASP A 294 2.29 -11.43 -22.85
N ILE A 295 2.85 -11.09 -21.70
CA ILE A 295 2.00 -10.43 -20.69
C ILE A 295 2.69 -9.20 -20.10
N VAL A 296 2.05 -8.04 -20.25
CA VAL A 296 2.55 -6.80 -19.71
C VAL A 296 1.96 -6.62 -18.32
N LEU A 297 2.83 -6.59 -17.31
CA LEU A 297 2.38 -6.50 -15.93
C LEU A 297 2.11 -5.03 -15.58
N VAL A 298 0.88 -4.71 -15.19
CA VAL A 298 0.52 -3.34 -14.78
C VAL A 298 -0.05 -3.40 -13.35
N SER A 299 0.83 -3.56 -12.36
CA SER A 299 0.41 -3.91 -11.00
C SER A 299 0.32 -2.72 -10.05
N ALA A 300 1.45 -2.03 -9.85
CA ALA A 300 1.54 -0.96 -8.85
C ALA A 300 0.49 0.11 -9.14
N ASP A 301 0.40 0.53 -10.40
CA ASP A 301 -0.53 1.60 -10.76
C ASP A 301 -1.48 1.12 -11.83
N PRO A 302 -2.57 0.46 -11.44
CA PRO A 302 -3.50 -0.09 -12.45
C PRO A 302 -4.27 1.01 -13.20
N SER A 303 -4.17 2.26 -12.78
CA SER A 303 -4.99 3.30 -13.44
C SER A 303 -4.58 3.52 -14.88
N ILE A 304 -3.38 3.10 -15.27
CA ILE A 304 -2.95 3.32 -16.66
C ILE A 304 -3.16 2.09 -17.56
N ALA A 305 -3.72 1.01 -17.03
CA ALA A 305 -3.93 -0.16 -17.85
C ALA A 305 -4.85 0.14 -19.04
N ALA A 306 -5.94 0.87 -18.80
CA ALA A 306 -6.93 1.13 -19.86
C ALA A 306 -6.31 1.77 -21.08
N GLU A 307 -5.54 2.84 -20.87
CA GLU A 307 -4.95 3.54 -22.03
C GLU A 307 -3.85 2.70 -22.72
N VAL A 309 -3.92 -0.66 -22.98
CA VAL A 309 -4.70 -1.62 -23.77
C VAL A 309 -5.17 -0.93 -25.04
N ALA A 310 -5.69 0.29 -24.91
CA ALA A 310 -6.27 0.97 -26.09
C ALA A 310 -5.20 1.24 -27.13
N ALA A 311 -4.01 1.61 -26.65
CA ALA A 311 -2.92 1.88 -27.55
C ALA A 311 -2.50 0.61 -28.29
N VAL A 312 -2.49 -0.53 -27.59
CA VAL A 312 -2.05 -1.78 -28.21
C VAL A 312 -3.09 -2.22 -29.24
N VAL A 313 -4.38 -2.06 -28.91
CA VAL A 313 -5.45 -2.34 -29.87
C VAL A 313 -5.30 -1.45 -31.09
N ALA A 314 -5.11 -0.15 -30.89
CA ALA A 314 -5.08 0.76 -32.03
C ALA A 314 -3.88 0.46 -32.93
N LYS A 315 -2.75 0.08 -32.36
CA LYS A 315 -1.59 -0.19 -33.22
C LYS A 315 -1.77 -1.50 -34.02
N ALA A 316 -2.42 -2.49 -33.43
CA ALA A 316 -2.75 -3.74 -34.11
C ALA A 316 -3.65 -3.43 -35.28
N GLN A 317 -4.57 -2.48 -35.14
CA GLN A 317 -5.49 -2.16 -36.23
C GLN A 317 -4.81 -1.43 -37.43
N ALA A 318 -3.73 -0.69 -37.13
CA ALA A 318 -2.99 0.15 -38.09
C ALA A 318 -1.73 -0.51 -38.68
N ASP A 319 -1.23 -1.54 -38.04
CA ASP A 319 0.12 -2.02 -38.30
C ASP A 319 0.10 -3.57 -38.38
N PRO A 320 0.05 -4.12 -39.61
CA PRO A 320 -0.01 -5.58 -39.77
C PRO A 320 1.15 -6.38 -39.09
N ASP A 321 2.37 -5.87 -39.08
CA ASP A 321 3.45 -6.60 -38.43
C ASP A 321 3.16 -6.71 -36.90
N PHE A 322 2.71 -5.63 -36.30
CA PHE A 322 2.44 -5.63 -34.86
C PHE A 322 1.21 -6.51 -34.55
N ALA A 323 0.21 -6.45 -35.43
CA ALA A 323 -0.96 -7.32 -35.31
C ALA A 323 -0.56 -8.79 -35.28
N ALA A 324 0.41 -9.18 -36.11
CA ALA A 324 0.81 -10.58 -36.19
C ALA A 324 1.55 -10.95 -34.92
N ILE A 325 2.33 -10.02 -34.39
CA ILE A 325 3.03 -10.21 -33.13
C ILE A 325 2.06 -10.38 -31.97
N VAL A 326 1.07 -9.50 -31.91
CA VAL A 326 -0.02 -9.61 -30.94
C VAL A 326 -0.72 -10.96 -31.02
N ASP A 327 -1.02 -11.44 -32.22
CA ASP A 327 -1.73 -12.72 -32.36
C ASP A 327 -0.92 -13.91 -31.85
N ASP A 328 0.40 -13.89 -32.05
CA ASP A 328 1.26 -14.97 -31.55
C ASP A 328 1.31 -14.98 -30.02
N ALA A 329 1.35 -13.78 -29.46
CA ALA A 329 1.42 -13.60 -28.03
C ALA A 329 0.14 -14.17 -27.39
N ALA A 330 -1.03 -13.82 -27.94
CA ALA A 330 -2.29 -14.25 -27.37
C ALA A 330 -2.40 -15.76 -27.44
N ARG A 331 -1.83 -16.36 -28.49
CA ARG A 331 -1.87 -17.81 -28.63
C ARG A 331 -1.05 -18.47 -27.52
N ARG A 332 0.11 -17.90 -27.12
CA ARG A 332 0.90 -18.47 -26.01
C ARG A 332 0.14 -18.37 -24.72
N VAL A 333 -0.53 -17.24 -24.53
CA VAL A 333 -1.28 -17.03 -23.32
C VAL A 333 -2.46 -17.99 -23.22
N LEU A 334 -3.24 -18.15 -24.31
CA LEU A 334 -4.36 -19.08 -24.26
C LEU A 334 -3.87 -20.51 -24.06
N ALA A 335 -2.78 -20.87 -24.71
CA ALA A 335 -2.23 -22.22 -24.54
C ALA A 335 -1.75 -22.47 -23.11
N ALA A 336 -1.20 -21.44 -22.45
CA ALA A 336 -0.80 -21.63 -21.06
C ALA A 336 -2.05 -21.77 -20.18
N LYS A 337 -3.18 -21.24 -20.63
CA LYS A 337 -4.43 -21.43 -19.90
C LYS A 337 -5.20 -22.71 -20.30
N GLY A 338 -4.63 -23.50 -21.21
CA GLY A 338 -5.28 -24.72 -21.69
C GLY A 338 -6.50 -24.49 -22.58
N VAL A 339 -6.48 -23.40 -23.34
CA VAL A 339 -7.63 -22.99 -24.15
C VAL A 339 -7.37 -23.01 -25.68
N ALA A 340 -8.29 -23.64 -26.42
CA ALA A 340 -8.26 -23.70 -27.89
C ALA A 340 -8.72 -22.37 -28.51
N ASN B 2 -1.56 37.77 9.44
CA ASN B 2 -1.35 37.86 7.99
C ASN B 2 -2.45 37.13 7.15
N ALA B 3 -2.93 35.96 7.59
CA ALA B 3 -4.07 35.28 6.93
C ALA B 3 -5.42 35.88 7.38
N ASP B 4 -6.18 36.39 6.42
CA ASP B 4 -7.40 37.13 6.75
C ASP B 4 -8.66 36.34 6.37
N LEU B 5 -8.95 35.34 7.18
CA LEU B 5 -9.91 34.34 6.81
C LEU B 5 -11.32 34.78 7.16
N SER B 6 -12.27 34.47 6.28
CA SER B 6 -13.68 34.66 6.55
C SER B 6 -14.14 33.61 7.55
N LEU B 7 -15.35 33.77 8.09
CA LEU B 7 -15.92 32.76 8.99
C LEU B 7 -15.97 31.38 8.29
N GLU B 8 -16.42 31.37 7.05
CA GLU B 8 -16.50 30.13 6.25
C GLU B 8 -15.13 29.48 6.11
N GLN B 9 -14.10 30.29 5.81
CA GLN B 9 -12.76 29.75 5.70
C GLN B 9 -12.18 29.28 7.04
N ARG B 10 -12.48 29.96 8.14
CA ARG B 10 -11.99 29.49 9.46
C ARG B 10 -12.62 28.14 9.81
N VAL B 11 -13.92 28.02 9.59
CA VAL B 11 -14.62 26.78 9.86
C VAL B 11 -14.02 25.70 8.97
N GLY B 12 -13.74 26.02 7.71
CA GLY B 12 -13.16 25.01 6.86
C GLY B 12 -11.81 24.44 7.36
N GLN B 13 -11.03 25.27 8.06
CA GLN B 13 -9.74 24.86 8.63
C GLN B 13 -9.95 23.78 9.68
N LEU B 14 -11.16 23.71 10.23
CA LEU B 14 -11.52 22.73 11.29
C LEU B 14 -11.91 21.33 10.79
N PHE B 15 -11.77 21.05 9.50
CA PHE B 15 -12.19 19.77 8.93
C PHE B 15 -11.06 19.12 8.13
N VAL B 17 -10.93 16.27 5.14
CA VAL B 17 -11.77 15.41 4.31
C VAL B 17 -10.94 14.29 3.62
N GLY B 18 -11.50 13.09 3.60
CA GLY B 18 -10.86 11.96 2.98
C GLY B 18 -10.92 12.00 1.47
N THR B 19 -9.91 11.40 0.84
CA THR B 19 -9.96 11.04 -0.57
C THR B 19 -9.32 9.67 -0.66
N ASP B 20 -9.75 8.84 -1.60
CA ASP B 20 -9.03 7.57 -1.82
C ASP B 20 -7.55 7.89 -2.14
N ALA B 21 -6.62 7.10 -1.61
CA ALA B 21 -5.20 7.41 -1.76
C ALA B 21 -4.69 7.39 -3.20
N ALA B 22 -5.39 6.70 -4.13
CA ALA B 22 -4.93 6.59 -5.53
C ALA B 22 -5.51 7.63 -6.47
N THR B 23 -6.46 8.42 -6.00
CA THR B 23 -7.20 9.35 -6.86
C THR B 23 -7.58 10.59 -6.05
N ALA B 24 -7.35 11.78 -6.59
CA ALA B 24 -7.95 12.97 -5.99
C ALA B 24 -9.44 13.02 -6.34
N GLU B 25 -10.30 12.62 -5.42
CA GLU B 25 -11.71 12.48 -5.79
C GLU B 25 -12.40 13.82 -5.86
N GLN B 26 -13.36 13.92 -6.76
CA GLN B 26 -14.12 15.15 -6.91
C GLN B 26 -14.81 15.62 -5.63
N VAL B 27 -15.36 14.68 -4.84
CA VAL B 27 -16.03 15.06 -3.59
C VAL B 27 -15.06 15.84 -2.69
N THR B 28 -13.78 15.44 -2.72
CA THR B 28 -12.72 16.06 -1.90
C THR B 28 -12.30 17.43 -2.43
N LEU B 29 -12.09 17.49 -3.73
CA LEU B 29 -11.80 18.75 -4.41
C LEU B 29 -12.91 19.78 -4.17
N ASP B 30 -14.16 19.34 -4.29
CA ASP B 30 -15.34 20.18 -3.99
C ASP B 30 -15.38 20.63 -2.51
N ALA B 31 -14.94 19.76 -1.61
CA ALA B 31 -14.93 20.13 -0.21
C ALA B 31 -13.99 21.32 0.04
N ILE B 32 -12.80 21.26 -0.56
CA ILE B 32 -11.86 22.37 -0.48
C ILE B 32 -12.42 23.63 -1.14
N THR B 33 -12.88 23.48 -2.37
CA THR B 33 -13.22 24.62 -3.23
C THR B 33 -14.51 25.31 -2.80
N ALA B 34 -15.55 24.52 -2.51
CA ALA B 34 -16.88 25.07 -2.22
C ALA B 34 -17.18 25.10 -0.72
N SER B 35 -16.53 24.24 0.06
CA SER B 35 -16.81 24.25 1.49
C SER B 35 -15.61 24.76 2.30
N HIS B 36 -14.55 25.18 1.60
CA HIS B 36 -13.35 25.74 2.24
C HIS B 36 -12.62 24.81 3.20
N VAL B 37 -12.82 23.51 3.05
CA VAL B 37 -12.12 22.54 3.86
C VAL B 37 -10.60 22.70 3.62
N GLY B 38 -9.82 22.81 4.70
CA GLY B 38 -8.41 23.16 4.55
C GLY B 38 -7.42 22.04 4.78
N ASN B 39 -7.91 20.81 4.98
CA ASN B 39 -7.05 19.64 5.25
C ASN B 39 -7.59 18.41 4.56
N VAL B 40 -6.70 17.51 4.13
CA VAL B 40 -7.11 16.26 3.46
C VAL B 40 -6.42 15.06 4.08
N PHE B 41 -7.00 13.92 3.83
CA PHE B 41 -6.48 12.65 4.31
C PHE B 41 -6.58 11.64 3.18
N LEU B 42 -5.47 10.99 2.89
CA LEU B 42 -5.41 9.95 1.89
C LEU B 42 -5.74 8.61 2.52
N ALA B 43 -6.86 8.04 2.10
CA ALA B 43 -7.49 6.91 2.73
C ALA B 43 -7.32 5.62 1.95
N GLY B 44 -7.59 4.50 2.61
CA GLY B 44 -7.64 3.22 1.92
C GLY B 44 -6.28 2.61 1.69
N ARG B 45 -6.06 2.09 0.50
CA ARG B 45 -4.85 1.33 0.19
C ARG B 45 -4.37 1.70 -1.21
N SER B 46 -3.15 2.22 -1.32
CA SER B 46 -2.56 2.43 -2.65
C SER B 46 -1.25 1.67 -2.79
N ASN B 47 -0.98 1.20 -3.99
CA ASN B 47 0.24 0.49 -4.31
C ASN B 47 1.04 1.21 -5.39
N ALA B 48 0.61 2.43 -5.72
CA ALA B 48 1.10 3.11 -6.93
C ALA B 48 2.48 3.75 -6.73
N GLY B 49 2.87 3.97 -5.47
CA GLY B 49 4.19 4.50 -5.17
C GLY B 49 4.26 6.01 -4.94
N VAL B 50 5.46 6.49 -4.69
CA VAL B 50 5.71 7.86 -4.24
C VAL B 50 5.27 8.91 -5.25
N ASP B 51 5.78 8.82 -6.48
CA ASP B 51 5.43 9.80 -7.51
C ASP B 51 3.95 9.83 -7.88
N ALA B 52 3.33 8.67 -8.02
CA ALA B 52 1.89 8.60 -8.27
C ALA B 52 1.15 9.28 -7.14
N THR B 53 1.58 9.03 -5.91
CA THR B 53 0.90 9.58 -4.76
C THR B 53 1.06 11.10 -4.77
N ALA B 54 2.28 11.54 -5.07
CA ALA B 54 2.56 12.98 -5.22
C ALA B 54 1.65 13.61 -6.26
N ALA B 55 1.35 12.91 -7.36
CA ALA B 55 0.46 13.48 -8.37
C ALA B 55 -0.96 13.65 -7.77
N VAL B 56 -1.39 12.72 -6.92
CA VAL B 56 -2.68 12.88 -6.25
C VAL B 56 -2.63 14.10 -5.32
N VAL B 57 -1.58 14.21 -4.50
CA VAL B 57 -1.47 15.30 -3.55
C VAL B 57 -1.42 16.67 -4.27
N GLU B 58 -0.68 16.71 -5.37
CA GLU B 58 -0.63 17.91 -6.20
C GLU B 58 -2.03 18.37 -6.69
N GLN B 59 -2.91 17.46 -7.09
CA GLN B 59 -4.25 17.94 -7.48
C GLN B 59 -5.01 18.58 -6.32
N LEU B 60 -4.83 18.03 -5.13
CA LEU B 60 -5.51 18.57 -3.95
C LEU B 60 -4.91 19.93 -3.58
N THR B 61 -3.58 20.04 -3.57
CA THR B 61 -2.98 21.31 -3.21
C THR B 61 -3.22 22.37 -4.29
N ALA B 62 -3.48 21.95 -5.54
CA ALA B 62 -3.84 22.91 -6.59
C ALA B 62 -5.15 23.60 -6.28
N ALA B 63 -6.02 22.96 -5.48
CA ALA B 63 -7.30 23.60 -5.13
C ALA B 63 -7.16 24.67 -4.05
N VAL B 64 -5.99 24.76 -3.42
CA VAL B 64 -5.70 25.86 -2.48
C VAL B 64 -5.61 27.17 -3.25
N THR B 65 -6.48 28.10 -2.94
CA THR B 65 -6.51 29.43 -3.60
C THR B 65 -6.91 30.42 -2.54
N ASP B 66 -6.90 31.71 -2.89
CA ASP B 66 -7.35 32.70 -1.94
C ASP B 66 -8.84 32.53 -1.58
N GLU B 67 -9.68 32.22 -2.56
CA GLU B 67 -11.10 32.06 -2.27
C GLU B 67 -11.36 30.78 -1.44
N ALA B 68 -10.69 29.68 -1.77
CA ALA B 68 -10.93 28.41 -1.07
C ALA B 68 -10.48 28.42 0.38
N THR B 69 -9.20 28.70 0.60
CA THR B 69 -8.68 28.57 1.96
C THR B 69 -7.88 29.81 2.37
N GLY B 70 -8.07 30.90 1.64
CA GLY B 70 -7.37 32.13 1.98
C GLY B 70 -5.87 31.96 1.79
N GLY B 71 -5.46 31.03 0.94
CA GLY B 71 -4.04 30.84 0.71
C GLY B 71 -3.35 29.87 1.67
N VAL B 72 -4.06 29.47 2.73
CA VAL B 72 -3.53 28.54 3.72
C VAL B 72 -3.35 27.15 3.14
N PRO B 73 -2.12 26.61 3.25
CA PRO B 73 -1.83 25.29 2.66
C PRO B 73 -2.55 24.18 3.39
N LEU B 74 -2.80 23.06 2.70
CA LEU B 74 -3.36 21.87 3.30
C LEU B 74 -2.42 21.20 4.30
N LEU B 75 -2.95 20.75 5.44
CA LEU B 75 -2.37 19.58 6.09
C LEU B 75 -2.77 18.39 5.21
N VAL B 76 -1.79 17.57 4.82
CA VAL B 76 -1.99 16.41 3.99
C VAL B 76 -1.61 15.16 4.75
N ALA B 77 -2.60 14.40 5.20
CA ALA B 77 -2.35 13.31 6.15
C ALA B 77 -2.56 11.93 5.55
N THR B 78 -1.94 10.91 6.14
CA THR B 78 -2.37 9.56 5.81
C THR B 78 -2.12 8.66 7.02
N ASP B 79 -2.56 7.40 6.92
CA ASP B 79 -2.38 6.39 7.97
C ASP B 79 -1.18 5.54 7.65
N GLN B 80 0.00 5.98 8.04
CA GLN B 80 1.20 5.18 7.77
C GLN B 80 1.80 4.67 9.09
N GLU B 81 1.09 3.78 9.79
CA GLU B 81 1.60 3.24 11.07
C GLU B 81 2.60 2.15 10.79
N GLY B 82 2.32 1.34 9.76
CA GLY B 82 3.11 0.15 9.45
C GLY B 82 2.31 -1.14 9.58
N GLY B 83 2.85 -2.24 9.03
CA GLY B 83 2.18 -3.54 9.14
C GLY B 83 0.77 -3.61 8.57
N ASN B 84 -0.24 -3.77 9.42
CA ASN B 84 -1.63 -3.85 8.96
C ASN B 84 -2.32 -2.51 8.67
N VAL B 85 -1.69 -1.41 9.03
CA VAL B 85 -2.21 -0.08 8.69
C VAL B 85 -1.09 0.66 7.99
N GLN B 86 -1.08 0.55 6.66
CA GLN B 86 -0.13 1.31 5.86
C GLN B 86 -0.82 1.69 4.56
N VAL B 87 -1.28 2.93 4.47
CA VAL B 87 -2.08 3.33 3.29
C VAL B 87 -1.23 3.27 2.02
N LEU B 88 0.06 3.62 2.15
CA LEU B 88 0.90 3.91 0.99
C LEU B 88 2.01 2.88 0.83
N ARG B 89 1.87 2.08 -0.21
CA ARG B 89 2.89 1.09 -0.61
C ARG B 89 3.27 1.29 -2.06
N GLY B 90 4.29 0.54 -2.50
CA GLY B 90 4.74 0.61 -3.88
C GLY B 90 6.09 1.28 -4.01
N PRO B 91 6.46 1.65 -5.24
CA PRO B 91 7.83 2.13 -5.48
C PRO B 91 8.17 3.40 -4.71
N GLY B 92 9.26 3.40 -3.93
CA GLY B 92 9.59 4.56 -3.13
C GLY B 92 9.14 4.46 -1.68
N PHE B 93 8.21 3.54 -1.43
CA PHE B 93 7.75 3.28 -0.06
C PHE B 93 8.33 1.98 0.52
N SER B 94 8.92 2.02 1.71
CA SER B 94 9.31 0.78 2.40
C SER B 94 8.06 0.01 2.83
N ASP B 95 8.16 -1.29 2.98
CA ASP B 95 7.10 -2.05 3.66
C ASP B 95 7.41 -2.00 5.15
N ILE B 96 6.59 -1.27 5.89
CA ILE B 96 6.91 -0.93 7.29
C ILE B 96 6.40 -2.09 8.18
N PRO B 97 7.23 -2.54 9.14
CA PRO B 97 6.78 -3.59 10.07
C PRO B 97 5.59 -3.11 10.93
N THR B 98 4.79 -4.02 11.49
CA THR B 98 3.78 -3.69 12.50
C THR B 98 4.43 -2.89 13.64
N ALA B 99 3.67 -2.04 14.31
CA ALA B 99 4.16 -1.33 15.49
C ALA B 99 4.68 -2.30 16.55
N LEU B 100 4.00 -3.44 16.72
CA LEU B 100 4.47 -4.46 17.65
C LEU B 100 5.89 -4.91 17.27
N ASP B 101 6.18 -5.16 15.99
CA ASP B 101 7.60 -5.44 15.68
C ASP B 101 8.51 -4.21 15.87
N GLN B 102 8.00 -2.99 15.63
CA GLN B 102 8.79 -1.79 15.88
C GLN B 102 9.19 -1.72 17.37
N GLY B 103 8.28 -2.18 18.23
CA GLY B 103 8.50 -2.17 19.66
C GLY B 103 9.58 -3.13 20.15
N ALA B 104 9.99 -4.04 19.27
CA ALA B 104 11.09 -4.96 19.60
C ALA B 104 12.46 -4.35 19.28
N LEU B 105 12.49 -3.24 18.52
CA LEU B 105 13.73 -2.55 18.12
C LEU B 105 14.23 -1.65 19.26
N ASP B 106 15.55 -1.48 19.39
CA ASP B 106 16.05 -0.35 20.19
C ASP B 106 15.37 0.90 19.67
N PRO B 107 14.94 1.77 20.58
CA PRO B 107 14.30 3.02 20.16
C PRO B 107 15.19 3.83 19.21
N ALA B 108 16.51 3.76 19.36
CA ALA B 108 17.39 4.54 18.54
C ALA B 108 17.34 3.96 17.13
N THR B 109 17.16 2.65 17.02
CA THR B 109 17.07 2.01 15.72
C THR B 109 15.76 2.37 15.04
N LEU B 110 14.68 2.31 15.80
CA LEU B 110 13.37 2.70 15.29
C LEU B 110 13.38 4.15 14.81
N GLN B 111 14.06 5.04 15.55
CA GLN B 111 14.07 6.44 15.15
C GLN B 111 14.79 6.62 13.80
N ALA B 112 15.88 5.88 13.60
CA ALA B 112 16.58 5.85 12.31
C ALA B 112 15.64 5.35 11.20
N ASP B 113 15.00 4.22 11.46
CA ASP B 113 14.07 3.66 10.49
C ASP B 113 12.91 4.60 10.16
N ALA B 114 12.40 5.30 11.16
CA ALA B 114 11.24 6.20 10.94
C ALA B 114 11.69 7.48 10.20
N THR B 115 12.97 7.80 10.30
CA THR B 115 13.53 8.93 9.53
C THR B 115 13.44 8.59 8.04
N THR B 116 13.81 7.35 7.71
CA THR B 116 13.67 6.81 6.34
C THR B 116 12.21 6.83 5.90
N TRP B 117 11.31 6.24 6.70
CA TRP B 117 9.89 6.19 6.33
C TRP B 117 9.29 7.61 6.19
N GLY B 118 9.77 8.53 7.03
CA GLY B 118 9.25 9.88 7.00
C GLY B 118 9.66 10.62 5.74
N ALA B 119 10.90 10.38 5.28
CA ALA B 119 11.41 10.98 4.02
C ALA B 119 10.58 10.53 2.83
N GLU B 120 10.15 9.27 2.87
CA GLU B 120 9.37 8.70 1.79
C GLU B 120 7.99 9.39 1.74
N LEU B 121 7.38 9.57 2.92
CA LEU B 121 6.09 10.26 3.01
C LEU B 121 6.26 11.68 2.52
N ALA B 122 7.28 12.38 2.98
CA ALA B 122 7.46 13.77 2.56
C ALA B 122 7.59 13.82 1.04
N ALA B 123 8.33 12.89 0.45
CA ALA B 123 8.59 12.95 -1.01
C ALA B 123 7.27 12.81 -1.76
N SER B 124 6.29 12.17 -1.14
CA SER B 124 5.03 11.90 -1.82
C SER B 124 4.02 13.01 -1.51
N GLY B 125 4.44 14.03 -0.75
CA GLY B 125 3.57 15.15 -0.39
C GLY B 125 2.80 15.08 0.94
N ILE B 126 3.00 14.01 1.69
CA ILE B 126 2.37 13.86 3.02
C ILE B 126 3.12 14.76 3.99
N ASN B 127 2.43 15.58 4.80
CA ASN B 127 3.17 16.33 5.82
C ASN B 127 2.64 15.99 7.22
N LEU B 128 1.73 15.03 7.29
CA LEU B 128 1.20 14.65 8.62
C LEU B 128 0.84 13.19 8.61
N ASN B 129 1.42 12.44 9.53
CA ASN B 129 1.16 11.01 9.62
C ASN B 129 0.23 10.77 10.78
N LEU B 130 -0.90 10.10 10.55
CA LEU B 130 -1.80 9.79 11.68
C LEU B 130 -1.24 8.55 12.39
N ALA B 131 -0.20 8.78 13.16
CA ALA B 131 0.56 7.75 13.86
C ALA B 131 1.53 8.59 14.69
N PRO B 132 2.14 8.05 15.76
CA PRO B 132 2.05 6.67 16.23
C PRO B 132 0.86 6.41 17.14
N VAL B 133 0.43 5.15 17.14
CA VAL B 133 -0.44 4.57 18.17
C VAL B 133 0.27 4.57 19.53
N ASP B 135 -1.73 3.83 22.16
CA ASP B 135 -2.64 2.96 22.93
C ASP B 135 -1.85 1.88 23.60
N VAL B 136 -2.15 1.58 24.87
CA VAL B 136 -1.45 0.49 25.56
C VAL B 136 -2.37 -0.73 25.64
N VAL B 137 -1.93 -1.86 25.11
CA VAL B 137 -2.71 -3.11 25.23
C VAL B 137 -2.23 -3.79 26.54
N ALA B 138 -3.10 -4.43 27.32
CA ALA B 138 -2.77 -4.81 28.68
C ALA B 138 -1.77 -5.97 28.78
N SER B 139 -1.78 -6.87 27.79
CA SER B 139 -0.87 -8.01 27.80
C SER B 139 -0.88 -8.72 26.46
N PRO B 140 0.21 -9.45 26.14
CA PRO B 140 0.25 -10.27 24.92
C PRO B 140 -0.83 -11.35 24.92
N GLU B 141 -1.10 -11.95 26.08
CA GLU B 141 -2.13 -13.01 26.15
C GLU B 141 -3.54 -12.48 25.84
N ALA B 142 -3.83 -11.23 26.19
CA ALA B 142 -5.14 -10.63 25.89
C ALA B 142 -5.19 -9.81 24.60
N ALA B 143 -4.06 -9.64 23.92
CA ALA B 143 -4.02 -8.71 22.77
C ALA B 143 -5.11 -8.99 21.71
N ALA B 144 -5.38 -10.24 21.42
CA ALA B 144 -6.35 -10.57 20.37
C ALA B 144 -7.78 -10.22 20.78
N ALA B 145 -8.02 -10.02 22.08
CA ALA B 145 -9.39 -9.67 22.52
C ALA B 145 -9.66 -8.17 22.42
N ASN B 146 -8.70 -7.41 21.88
CA ASN B 146 -8.84 -5.97 21.69
C ASN B 146 -8.94 -5.68 20.19
N PRO B 147 -10.16 -5.50 19.68
CA PRO B 147 -10.32 -5.46 18.22
C PRO B 147 -9.56 -4.33 17.49
N PRO B 148 -9.62 -3.07 17.96
CA PRO B 148 -8.92 -2.09 17.08
C PRO B 148 -7.37 -2.12 17.10
N ILE B 149 -6.75 -2.44 18.22
CA ILE B 149 -5.30 -2.29 18.32
C ILE B 149 -4.60 -3.65 18.44
N GLY B 150 -4.80 -4.33 19.57
CA GLY B 150 -4.14 -5.60 19.85
C GLY B 150 -4.37 -6.67 18.78
N TYR B 151 -5.60 -6.74 18.28
CA TYR B 151 -5.89 -7.73 17.25
C TYR B 151 -5.04 -7.51 16.01
N PHE B 152 -4.70 -6.25 15.70
CA PHE B 152 -3.93 -5.97 14.50
C PHE B 152 -2.44 -5.74 14.73
N HIS B 153 -1.94 -5.97 15.94
CA HIS B 153 -0.56 -5.68 16.26
C HIS B 153 -0.19 -4.21 16.09
N ARG B 154 -1.12 -3.32 16.40
CA ARG B 154 -0.88 -1.89 16.23
C ARG B 154 -0.25 -1.23 17.46
N GLU B 155 -0.13 -1.96 18.56
CA GLU B 155 0.51 -1.44 19.77
C GLU B 155 2.04 -1.67 19.69
N PHE B 156 2.84 -0.75 20.23
CA PHE B 156 4.28 -0.99 20.39
C PHE B 156 4.55 -1.96 21.54
N GLY B 157 3.61 -2.10 22.47
CA GLY B 157 3.87 -2.88 23.66
C GLY B 157 2.76 -2.81 24.70
N TYR B 158 3.08 -3.15 25.95
CA TYR B 158 2.04 -3.52 26.92
C TYR B 158 2.19 -2.77 28.20
N ASP B 159 3.08 -1.79 28.22
CA ASP B 159 3.17 -0.84 29.34
C ASP B 159 3.52 0.56 28.81
N ALA B 160 3.28 1.59 29.60
CA ALA B 160 3.49 2.97 29.19
C ALA B 160 4.94 3.30 28.81
N GLU B 161 5.87 2.69 29.52
CA GLU B 161 7.28 2.98 29.31
C GLU B 161 7.73 2.48 27.92
N THR B 162 7.35 1.25 27.56
CA THR B 162 7.74 0.68 26.27
C THR B 162 7.03 1.40 25.12
N VAL B 163 5.76 1.69 25.31
CA VAL B 163 4.99 2.43 24.34
C VAL B 163 5.55 3.85 24.15
N ALA B 164 5.84 4.56 25.22
CA ALA B 164 6.40 5.93 25.10
C ALA B 164 7.76 5.95 24.37
N SER B 165 8.67 5.09 24.78
CA SER B 165 10.02 5.13 24.25
C SER B 165 10.02 4.84 22.75
N HIS B 166 9.17 3.92 22.32
CA HIS B 166 9.13 3.57 20.91
C HIS B 166 8.31 4.55 20.09
N ALA B 167 7.14 4.94 20.59
CA ALA B 167 6.34 5.89 19.87
C ALA B 167 7.08 7.24 19.73
N ASN B 168 7.79 7.66 20.78
CA ASN B 168 8.45 8.95 20.73
C ASN B 168 9.64 8.88 19.78
N ALA B 169 10.29 7.73 19.69
CA ALA B 169 11.37 7.53 18.70
C ALA B 169 10.81 7.65 17.27
N PHE B 170 9.66 7.03 17.06
CA PHE B 170 8.98 7.09 15.77
C PHE B 170 8.63 8.52 15.42
N SER B 171 8.03 9.24 16.38
CA SER B 171 7.66 10.64 16.16
C SER B 171 8.91 11.46 15.88
N ALA B 172 10.00 11.25 16.63
CA ALA B 172 11.22 12.04 16.40
C ALA B 172 11.80 11.75 15.03
N GLY B 173 11.73 10.48 14.59
CA GLY B 173 12.24 10.10 13.28
C GLY B 173 11.48 10.81 12.16
N ARG B 175 9.76 13.52 12.36
CA ARG B 175 9.93 14.97 12.41
C ARG B 175 11.35 15.31 11.87
N ALA B 176 12.32 14.41 12.04
CA ALA B 176 13.67 14.63 11.48
C ALA B 176 13.64 14.70 9.95
N SER B 177 12.59 14.14 9.34
CA SER B 177 12.39 14.20 7.89
C SER B 177 11.30 15.17 7.49
N GLY B 178 10.85 15.96 8.46
CA GLY B 178 9.87 17.00 8.14
C GLY B 178 8.44 16.53 8.07
N VAL B 179 8.13 15.39 8.69
CA VAL B 179 6.75 14.95 8.73
C VAL B 179 6.23 15.02 10.15
N GLU B 180 5.15 15.73 10.39
CA GLU B 180 4.56 15.73 11.75
C GLU B 180 3.76 14.46 12.03
N THR B 181 3.50 14.21 13.31
CA THR B 181 2.77 13.02 13.72
C THR B 181 1.54 13.35 14.56
N VAL B 182 0.67 12.36 14.74
CA VAL B 182 -0.56 12.53 15.52
C VAL B 182 -0.63 11.34 16.47
N ILE B 183 -0.46 11.54 17.77
CA ILE B 183 -0.49 10.41 18.68
C ILE B 183 -1.96 10.02 18.91
N LYS B 184 -2.26 8.71 19.01
CA LYS B 184 -3.68 8.28 19.00
C LYS B 184 -3.84 6.95 19.79
N HIS B 185 -5.03 6.61 20.29
CA HIS B 185 -6.26 7.41 20.25
C HIS B 185 -6.63 7.76 21.68
N PHE B 186 -6.43 9.02 22.06
CA PHE B 186 -6.60 9.47 23.44
C PHE B 186 -8.06 9.33 23.91
N PRO B 187 -8.28 8.82 25.12
CA PRO B 187 -7.33 8.43 26.17
C PRO B 187 -6.85 6.99 26.10
N GLY B 188 -7.11 6.26 25.04
CA GLY B 188 -6.53 4.91 24.93
C GLY B 188 -7.57 3.94 24.43
N LEU B 189 -7.30 3.28 23.30
CA LEU B 189 -8.21 2.31 22.67
C LEU B 189 -7.77 0.88 22.91
N GLY B 190 -6.70 0.71 23.68
CA GLY B 190 -6.09 -0.61 23.85
C GLY B 190 -6.89 -1.58 24.69
N ARG B 191 -7.96 -1.12 25.33
CA ARG B 191 -8.62 -2.01 26.29
C ARG B 191 -10.12 -2.24 26.00
N VAL B 192 -10.69 -1.58 24.98
CA VAL B 192 -12.04 -1.92 24.55
C VAL B 192 -12.07 -3.35 24.04
N THR B 193 -13.26 -3.93 24.06
CA THR B 193 -13.48 -5.30 23.56
C THR B 193 -14.32 -5.24 22.28
N GLU B 194 -14.64 -4.03 21.81
CA GLU B 194 -15.33 -3.84 20.55
C GLU B 194 -14.69 -2.74 19.70
N ASN B 195 -14.96 -2.74 18.39
CA ASN B 195 -14.41 -1.72 17.45
C ASN B 195 -15.42 -0.58 17.17
N THR B 196 -15.07 0.66 17.51
CA THR B 196 -15.95 1.79 17.24
C THR B 196 -16.23 1.98 15.73
N ASP B 197 -15.34 1.53 14.85
CA ASP B 197 -15.59 1.61 13.38
C ASP B 197 -16.87 0.87 13.04
N THR B 198 -17.10 -0.29 13.69
CA THR B 198 -18.16 -1.22 13.25
C THR B 198 -19.32 -1.44 14.23
N THR B 199 -19.16 -1.00 15.46
CA THR B 199 -20.09 -1.30 16.55
C THR B 199 -20.46 0.00 17.28
N ALA B 200 -21.71 0.13 17.63
CA ALA B 200 -22.18 1.30 18.35
C ALA B 200 -22.28 0.90 19.82
N GLY B 201 -22.32 1.89 20.71
CA GLY B 201 -22.34 1.59 22.13
C GLY B 201 -21.05 1.01 22.72
N VAL B 202 -19.92 1.26 22.10
CA VAL B 202 -18.65 0.80 22.69
C VAL B 202 -18.34 1.53 23.97
N VAL B 203 -18.04 0.75 25.01
CA VAL B 203 -17.73 1.30 26.33
C VAL B 203 -16.45 0.64 26.83
N ASP B 204 -15.49 1.48 27.22
CA ASP B 204 -14.37 1.09 28.04
C ASP B 204 -14.78 1.34 29.47
N ASP B 205 -14.80 0.28 30.28
CA ASP B 205 -15.16 0.46 31.67
C ASP B 205 -14.04 0.18 32.63
N VAL B 206 -12.80 0.27 32.15
CA VAL B 206 -11.67 -0.03 33.02
C VAL B 206 -10.64 1.10 33.04
N THR B 207 -10.44 1.78 31.91
CA THR B 207 -9.47 2.89 31.84
C THR B 207 -9.92 4.09 32.68
N THR B 208 -9.09 4.50 33.65
CA THR B 208 -9.28 5.73 34.42
C THR B 208 -8.33 6.84 33.97
N ALA B 209 -8.55 8.08 34.40
CA ALA B 209 -7.69 9.22 34.04
C ALA B 209 -6.23 9.06 34.50
N ASP B 210 -5.99 8.14 35.41
CA ASP B 210 -4.73 7.99 36.13
C ASP B 210 -3.79 6.87 35.66
N ASP B 211 -4.24 6.01 34.76
CA ASP B 211 -3.51 4.77 34.52
C ASP B 211 -2.55 4.85 33.30
N ALA B 212 -1.92 3.73 32.99
CA ALA B 212 -0.75 3.65 32.13
C ALA B 212 -1.06 4.20 30.76
N SER B 213 -2.25 3.89 30.34
CA SER B 213 -2.75 4.35 29.08
C SER B 213 -2.65 5.89 28.97
N VAL B 214 -3.24 6.61 29.92
CA VAL B 214 -3.17 8.06 29.86
C VAL B 214 -1.71 8.57 30.05
N GLN B 215 -0.93 7.88 30.87
N GLN B 215 -0.92 7.91 30.88
CA GLN B 215 0.45 8.29 31.14
CA GLN B 215 0.46 8.38 31.11
C GLN B 215 1.32 8.20 29.88
C GLN B 215 1.31 8.25 29.83
N ALA B 216 1.01 7.24 29.02
CA ALA B 216 1.70 7.08 27.73
C ALA B 216 1.44 8.31 26.83
N PHE B 217 0.20 8.77 26.75
CA PHE B 217 -0.09 10.01 26.01
C PHE B 217 0.57 11.21 26.65
N ALA B 218 0.64 11.24 27.99
CA ALA B 218 1.31 12.34 28.64
C ALA B 218 2.78 12.37 28.19
N ALA B 219 3.44 11.21 28.07
CA ALA B 219 4.86 11.18 27.64
C ALA B 219 5.03 11.59 26.16
N GLY B 220 4.05 11.28 25.31
CA GLY B 220 4.02 11.77 23.92
C GLY B 220 3.86 13.28 23.86
N ILE B 221 2.98 13.83 24.69
CA ILE B 221 2.78 15.27 24.81
C ILE B 221 4.06 15.94 25.32
N ASP B 222 4.59 15.45 26.45
CA ASP B 222 5.82 16.03 27.01
C ASP B 222 7.02 15.96 26.07
N ALA B 223 7.05 14.96 25.18
CA ALA B 223 8.10 14.87 24.16
C ALA B 223 7.83 15.77 22.95
N GLY B 224 6.75 16.56 22.98
CA GLY B 224 6.52 17.55 21.95
C GLY B 224 5.44 17.25 20.89
N ALA B 225 4.52 16.33 21.14
CA ALA B 225 3.43 16.10 20.17
C ALA B 225 2.74 17.42 19.88
N ALA B 226 2.51 17.67 18.60
CA ALA B 226 1.84 18.84 18.09
C ALA B 226 0.35 18.57 17.81
N PHE B 227 0.02 17.29 17.68
CA PHE B 227 -1.34 16.80 17.35
C PHE B 227 -1.69 15.59 18.22
N VAL B 228 -2.93 15.52 18.70
CA VAL B 228 -3.44 14.37 19.43
C VAL B 228 -4.77 13.99 18.80
N THR B 230 -8.31 11.87 19.26
CA THR B 230 -9.18 11.24 20.29
C THR B 230 -9.99 10.03 19.76
N SER B 231 -10.26 9.09 20.66
CA SER B 231 -11.17 7.96 20.51
C SER B 231 -12.65 8.39 20.55
N THR B 232 -13.55 7.59 19.96
CA THR B 232 -14.98 7.84 20.11
C THR B 232 -15.62 6.85 21.08
N ALA B 233 -14.80 6.00 21.70
CA ALA B 233 -15.28 5.10 22.76
C ALA B 233 -15.79 5.93 23.92
N VAL B 234 -16.79 5.41 24.63
CA VAL B 234 -17.20 5.98 25.91
C VAL B 234 -16.34 5.36 27.03
N TYR B 235 -15.82 6.21 27.93
CA TYR B 235 -15.00 5.76 29.05
C TYR B 235 -15.78 5.94 30.33
N SER B 236 -16.43 4.88 30.82
CA SER B 236 -17.39 5.01 31.89
C SER B 236 -16.73 5.38 33.24
N GLN B 237 -15.40 5.23 33.35
CA GLN B 237 -14.71 5.64 34.58
C GLN B 237 -14.21 7.09 34.50
N ILE B 238 -14.34 7.71 33.34
CA ILE B 238 -13.91 9.10 33.13
C ILE B 238 -15.12 9.96 32.81
N ASP B 239 -15.78 9.72 31.68
CA ASP B 239 -17.01 10.45 31.39
C ASP B 239 -17.99 9.49 30.70
N PRO B 240 -18.92 8.94 31.48
CA PRO B 240 -19.87 7.93 31.03
C PRO B 240 -20.96 8.50 30.07
N ASP B 241 -21.03 9.82 29.90
CA ASP B 241 -22.18 10.38 29.20
C ASP B 241 -21.95 10.65 27.70
N ALA B 242 -20.72 10.52 27.19
CA ALA B 242 -20.50 10.81 25.78
C ALA B 242 -19.26 10.12 25.27
N PRO B 243 -19.17 9.93 23.95
CA PRO B 243 -17.90 9.54 23.33
C PRO B 243 -16.74 10.43 23.77
N ALA B 244 -15.54 9.89 23.98
CA ALA B 244 -14.41 10.72 24.37
C ALA B 244 -14.26 11.92 23.45
N ALA B 245 -14.39 11.75 22.12
CA ALA B 245 -14.17 12.86 21.18
C ALA B 245 -15.22 13.97 21.34
N PHE B 246 -16.35 13.65 21.94
CA PHE B 246 -17.45 14.61 22.12
C PHE B 246 -17.46 15.08 23.60
N SER B 247 -16.48 14.67 24.40
CA SER B 247 -16.53 14.98 25.82
C SER B 247 -15.67 16.22 26.19
N ARG B 248 -16.30 17.30 26.64
CA ARG B 248 -15.57 18.46 27.13
C ARG B 248 -14.62 18.07 28.27
N GLU B 249 -15.08 17.20 29.15
CA GLU B 249 -14.24 16.74 30.28
C GLU B 249 -12.94 16.04 29.82
N ILE B 250 -13.04 15.18 28.82
CA ILE B 250 -11.86 14.42 28.39
C ILE B 250 -10.93 15.27 27.51
N VAL B 251 -11.51 16.04 26.60
CA VAL B 251 -10.71 16.79 25.60
C VAL B 251 -10.16 18.08 26.18
N SER B 252 -11.00 18.88 26.82
CA SER B 252 -10.55 20.15 27.34
C SER B 252 -10.03 20.04 28.76
N ASP B 253 -10.71 19.33 29.68
CA ASP B 253 -10.26 19.34 31.08
C ASP B 253 -9.08 18.38 31.30
N LEU B 254 -9.16 17.14 30.79
CA LEU B 254 -8.09 16.17 30.99
C LEU B 254 -6.91 16.43 30.03
N LEU B 255 -7.18 16.32 28.72
CA LEU B 255 -6.12 16.44 27.74
C LEU B 255 -5.47 17.83 27.70
N ARG B 256 -6.25 18.90 27.55
CA ARG B 256 -5.60 20.23 27.45
C ARG B 256 -5.25 20.78 28.80
N GLY B 257 -6.11 20.47 29.76
CA GLY B 257 -6.01 21.06 31.09
C GLY B 257 -4.99 20.36 31.96
N GLN B 258 -5.30 19.12 32.35
CA GLN B 258 -4.49 18.32 33.27
C GLN B 258 -3.14 18.00 32.61
N LEU B 259 -3.17 17.52 31.36
CA LEU B 259 -1.98 17.03 30.69
C LEU B 259 -1.25 18.15 29.95
N GLY B 260 -1.83 19.33 29.89
CA GLY B 260 -1.15 20.50 29.29
C GLY B 260 -0.97 20.50 27.76
N PHE B 261 -1.75 19.71 27.05
CA PHE B 261 -1.61 19.70 25.61
C PHE B 261 -2.20 20.98 25.02
N ASP B 262 -1.38 21.75 24.31
N ASP B 262 -1.41 21.74 24.29
CA ASP B 262 -1.84 23.03 23.72
CA ASP B 262 -1.92 22.99 23.75
C ASP B 262 -1.89 23.02 22.18
C ASP B 262 -1.80 23.03 22.21
N GLY B 263 -1.70 21.85 21.59
CA GLY B 263 -1.65 21.71 20.13
C GLY B 263 -2.99 21.35 19.52
N VAL B 264 -2.97 20.64 18.40
CA VAL B 264 -4.19 20.34 17.64
C VAL B 264 -4.83 19.03 18.04
N VAL B 265 -6.10 19.07 18.41
CA VAL B 265 -6.86 17.86 18.69
C VAL B 265 -7.64 17.49 17.43
N VAL B 266 -7.46 16.24 17.00
CA VAL B 266 -8.10 15.68 15.82
C VAL B 266 -9.06 14.58 16.27
N THR B 267 -10.26 14.51 15.73
CA THR B 267 -11.10 13.34 16.06
C THR B 267 -10.66 12.12 15.26
N ASP B 268 -10.97 10.93 15.77
CA ASP B 268 -11.06 9.70 14.96
C ASP B 268 -12.10 9.98 13.86
N ASP B 269 -12.19 9.15 12.84
CA ASP B 269 -13.22 9.36 11.79
C ASP B 269 -14.66 9.41 12.36
N VAL B 270 -15.42 10.46 12.09
CA VAL B 270 -16.77 10.51 12.57
C VAL B 270 -17.74 10.37 11.41
N SER B 271 -17.24 10.03 10.24
CA SER B 271 -18.10 10.13 9.07
C SER B 271 -18.88 8.83 8.89
N ALA B 272 -18.23 7.70 9.12
CA ALA B 272 -18.84 6.40 8.92
C ALA B 272 -18.83 5.49 10.17
N ALA B 273 -17.88 5.72 11.06
CA ALA B 273 -17.74 4.96 12.31
C ALA B 273 -19.09 4.71 12.98
N GLU B 274 -19.48 3.44 13.09
CA GLU B 274 -20.76 3.09 13.69
C GLU B 274 -20.98 3.70 15.09
N GLN B 275 -19.93 3.79 15.91
CA GLN B 275 -20.02 4.36 17.25
C GLN B 275 -20.78 5.69 17.28
N VAL B 276 -20.68 6.50 16.22
CA VAL B 276 -21.31 7.82 16.28
C VAL B 276 -22.39 8.04 15.21
N GLN B 277 -22.82 6.97 14.54
CA GLN B 277 -23.89 7.08 13.54
C GLN B 277 -25.23 7.55 14.10
N ALA B 278 -25.50 7.30 15.40
CA ALA B 278 -26.75 7.76 16.01
C ALA B 278 -26.86 9.29 16.11
N TRP B 279 -25.72 9.97 16.00
CA TRP B 279 -25.74 11.44 15.93
C TRP B 279 -25.85 11.87 14.47
N SER B 280 -26.59 12.96 14.21
CA SER B 280 -26.54 13.57 12.87
C SER B 280 -25.11 14.03 12.57
N PRO B 281 -24.76 14.10 11.28
CA PRO B 281 -23.39 14.58 10.99
C PRO B 281 -23.10 15.98 11.59
N ALA B 282 -24.09 16.86 11.55
CA ALA B 282 -23.96 18.21 12.08
C ALA B 282 -23.61 18.16 13.56
N ASP B 283 -24.35 17.36 14.32
CA ASP B 283 -24.08 17.23 15.76
C ASP B 283 -22.72 16.61 16.06
N ARG B 284 -22.27 15.68 15.22
CA ARG B 284 -20.94 15.09 15.39
C ARG B 284 -19.90 16.18 15.40
N ALA B 285 -20.03 17.10 14.44
CA ALA B 285 -19.04 18.13 14.26
C ALA B 285 -19.19 19.20 15.36
N ILE B 286 -20.42 19.60 15.65
CA ILE B 286 -20.64 20.63 16.64
C ILE B 286 -20.19 20.13 18.01
N LEU B 287 -20.62 18.93 18.38
CA LEU B 287 -20.20 18.36 19.66
C LEU B 287 -18.67 18.20 19.74
N ALA B 288 -18.03 17.73 18.66
CA ALA B 288 -16.57 17.57 18.74
C ALA B 288 -15.89 18.95 18.96
N ILE B 289 -16.34 19.97 18.25
CA ILE B 289 -15.73 21.30 18.35
C ILE B 289 -16.01 21.88 19.74
N GLU B 290 -17.24 21.73 20.24
CA GLU B 290 -17.57 22.20 21.58
C GLU B 290 -16.75 21.53 22.67
N ALA B 291 -16.32 20.31 22.42
CA ALA B 291 -15.52 19.59 23.41
C ALA B 291 -14.06 20.10 23.45
N GLY B 292 -13.63 20.80 22.40
CA GLY B 292 -12.26 21.29 22.31
C GLY B 292 -11.47 20.72 21.11
N THR B 293 -12.15 20.08 20.18
CA THR B 293 -11.52 19.59 18.96
C THR B 293 -11.15 20.71 18.00
N ASP B 294 -10.01 20.56 17.33
CA ASP B 294 -9.65 21.52 16.32
C ASP B 294 -9.81 21.00 14.89
N ILE B 295 -9.73 19.69 14.69
CA ILE B 295 -9.93 19.14 13.34
C ILE B 295 -10.84 17.94 13.42
N VAL B 296 -11.95 18.01 12.69
CA VAL B 296 -12.96 16.95 12.65
C VAL B 296 -12.58 16.11 11.43
N LEU B 297 -12.21 14.85 11.64
CA LEU B 297 -11.83 13.94 10.53
C LEU B 297 -13.08 13.34 9.88
N VAL B 298 -13.21 13.56 8.58
CA VAL B 298 -14.35 13.04 7.80
C VAL B 298 -13.72 12.20 6.68
N SER B 299 -13.20 11.02 7.03
CA SER B 299 -12.36 10.24 6.12
C SER B 299 -13.11 9.26 5.25
N ALA B 300 -13.89 8.38 5.87
CA ALA B 300 -14.46 7.27 5.12
C ALA B 300 -15.61 7.67 4.20
N ASP B 301 -16.39 8.67 4.62
CA ASP B 301 -17.51 9.16 3.81
C ASP B 301 -17.44 10.69 3.71
N PRO B 302 -16.60 11.18 2.80
CA PRO B 302 -16.40 12.63 2.63
C PRO B 302 -17.69 13.38 2.17
N SER B 303 -18.68 12.66 1.65
CA SER B 303 -19.90 13.28 1.15
C SER B 303 -20.68 14.01 2.24
N ILE B 304 -20.42 13.73 3.51
CA ILE B 304 -21.17 14.47 4.52
C ILE B 304 -20.39 15.69 5.05
N ALA B 305 -19.18 15.94 4.54
CA ALA B 305 -18.43 17.12 4.94
C ALA B 305 -19.19 18.44 4.72
N ALA B 306 -19.75 18.63 3.52
CA ALA B 306 -20.50 19.85 3.21
C ALA B 306 -21.52 20.22 4.28
N GLU B 307 -22.43 19.31 4.62
CA GLU B 307 -23.46 19.66 5.58
C GLU B 307 -22.88 19.88 6.98
N VAL B 309 -19.77 21.22 7.71
CA VAL B 309 -19.27 22.58 7.58
C VAL B 309 -20.41 23.60 7.66
N ALA B 310 -21.50 23.40 6.92
CA ALA B 310 -22.58 24.39 6.89
C ALA B 310 -23.25 24.53 8.26
N ALA B 311 -23.33 23.42 9.00
CA ALA B 311 -23.92 23.49 10.33
C ALA B 311 -23.01 24.28 11.29
N VAL B 312 -21.71 24.10 11.15
CA VAL B 312 -20.78 24.79 12.04
C VAL B 312 -20.78 26.29 11.69
N VAL B 313 -20.82 26.62 10.39
CA VAL B 313 -20.89 28.04 10.00
C VAL B 313 -22.13 28.69 10.60
N ALA B 314 -23.28 28.02 10.50
CA ALA B 314 -24.57 28.58 10.92
C ALA B 314 -24.59 28.80 12.42
N LYS B 315 -24.12 27.81 13.17
CA LYS B 315 -24.16 27.92 14.62
C LYS B 315 -23.25 29.10 15.05
N ALA B 316 -22.11 29.26 14.37
CA ALA B 316 -21.16 30.33 14.70
C ALA B 316 -21.76 31.68 14.38
N GLN B 317 -22.55 31.74 13.30
CA GLN B 317 -23.18 33.01 12.90
C GLN B 317 -24.28 33.38 13.92
N ALA B 318 -24.89 32.38 14.56
CA ALA B 318 -26.02 32.64 15.46
C ALA B 318 -25.60 32.70 16.91
N ASP B 319 -24.43 32.17 17.25
CA ASP B 319 -24.09 31.97 18.67
C ASP B 319 -22.61 32.40 18.91
N PRO B 320 -22.42 33.56 19.54
CA PRO B 320 -21.07 34.09 19.74
C PRO B 320 -20.19 33.23 20.64
N ASP B 321 -20.78 32.50 21.59
CA ASP B 321 -20.00 31.63 22.47
C ASP B 321 -19.34 30.54 21.61
N PHE B 322 -20.12 29.98 20.69
CA PHE B 322 -19.60 28.93 19.84
C PHE B 322 -18.63 29.52 18.82
N ALA B 323 -18.89 30.75 18.39
CA ALA B 323 -18.00 31.39 17.43
C ALA B 323 -16.61 31.57 18.03
N ALA B 324 -16.56 31.88 19.34
CA ALA B 324 -15.28 32.03 20.05
C ALA B 324 -14.55 30.68 20.11
N ILE B 325 -15.30 29.58 20.32
CA ILE B 325 -14.68 28.26 20.33
C ILE B 325 -14.07 27.97 18.92
N VAL B 326 -14.83 28.27 17.87
CA VAL B 326 -14.30 28.19 16.49
C VAL B 326 -13.06 29.08 16.28
N ASP B 327 -13.07 30.32 16.81
CA ASP B 327 -11.89 31.19 16.67
C ASP B 327 -10.66 30.49 17.31
N ASP B 328 -10.82 29.95 18.51
CA ASP B 328 -9.66 29.37 19.21
C ASP B 328 -9.07 28.19 18.41
N ALA B 329 -9.98 27.39 17.88
CA ALA B 329 -9.61 26.19 17.16
C ALA B 329 -8.89 26.55 15.88
N ALA B 330 -9.43 27.51 15.13
CA ALA B 330 -8.83 27.88 13.85
C ALA B 330 -7.39 28.40 14.10
N ARG B 331 -7.21 29.17 15.18
CA ARG B 331 -5.88 29.67 15.54
C ARG B 331 -4.89 28.55 15.79
N ARG B 332 -5.32 27.49 16.47
CA ARG B 332 -4.41 26.34 16.71
C ARG B 332 -4.06 25.67 15.41
N VAL B 333 -5.03 25.54 14.50
CA VAL B 333 -4.73 24.92 13.20
C VAL B 333 -3.73 25.78 12.41
N LEU B 334 -4.00 27.07 12.27
CA LEU B 334 -3.09 27.99 11.59
C LEU B 334 -1.71 27.99 12.24
N ALA B 335 -1.66 27.95 13.58
CA ALA B 335 -0.37 27.93 14.27
C ALA B 335 0.35 26.65 13.90
N ALA B 336 -0.39 25.57 13.82
CA ALA B 336 0.28 24.29 13.50
C ALA B 336 0.83 24.32 12.08
N LYS B 337 0.17 25.06 11.19
CA LYS B 337 0.64 25.21 9.82
C LYS B 337 1.73 26.31 9.67
N GLY B 338 2.08 27.02 10.75
CA GLY B 338 3.19 27.97 10.72
C GLY B 338 2.81 29.19 9.92
N VAL B 339 1.50 29.48 9.92
CA VAL B 339 0.89 30.60 9.19
C VAL B 339 0.71 31.87 10.04
#